data_6Q6F
#
_entry.id   6Q6F
#
_cell.length_a   82.396
_cell.length_b   82.396
_cell.length_c   301.430
_cell.angle_alpha   90.000
_cell.angle_beta   90.000
_cell.angle_gamma   90.000
#
_symmetry.space_group_name_H-M   'P 43 21 2'
#
loop_
_entity.id
_entity.type
_entity.pdbx_description
1 polymer 'Isocitrate dehydrogenase [NADP] cytoplasmic'
2 non-polymer (2~{R})-2-[2-[(3~{R})-3-(4-fluorophenyl)pyrrolidin-1-yl]ethyl]-1,4-dimethyl-piperazine
#
_entity_poly.entity_id   1
_entity_poly.type   'polypeptide(L)'
_entity_poly.pdbx_seq_one_letter_code
;MSKKISGGSVVEMQGDEMTRIIWELIKEKLIFPYVELDLHSYDLGIENRDATNDQVTKDAAEAIKKHNVGVKCATITPDE
KRVEEFKLKQMWKSPNGTIRNILGGTVFREAIICKNIPRLVSGWVKPIIIGHHAYGDQYRATDFVVPGPGKVEITYTPSD
GTQKVTYLVHNFEEGGGVAMGMYNQDKSIEDFAHSSFQMALSKGWPLYLSTKNTILKKYDGRFKDIFQEIYDKQYKSQFE
AQKIWYEHRLIDDMVAQAMKSEGGFIWACKNYDGDVQSDSVAQGYGSLGMMTSVLVCPDGKTVEAEAAHGTVTRHYRMYQ
KGQETSTNPIASIFAWTRGLAHRAKLDNNKELAFFANALEEVSIETIEAGFMTKDLAACIKGLPNVQRSDYLNTFEFMDK
LGENLKIKLAQAKL
;
_entity_poly.pdbx_strand_id   A,B
#
loop_
_chem_comp.id
_chem_comp.type
_chem_comp.name
_chem_comp.formula
HJQ non-polymer (2~{R})-2-[2-[(3~{R})-3-(4-fluorophenyl)pyrrolidin-1-yl]ethyl]-1,4-dimethyl-piperazine 'C18 H28 F N3'
#
# COMPACT_ATOMS: atom_id res chain seq x y z
N MET A 1 -34.85 -28.23 -14.48
CA MET A 1 -35.53 -27.01 -14.03
C MET A 1 -36.83 -26.71 -14.83
N SER A 2 -37.93 -26.48 -14.09
CA SER A 2 -39.24 -26.29 -14.70
C SER A 2 -39.30 -24.94 -15.43
N LYS A 3 -39.00 -23.88 -14.70
CA LYS A 3 -39.07 -22.52 -15.19
C LYS A 3 -37.78 -21.81 -14.79
N LYS A 4 -37.32 -20.91 -15.66
CA LYS A 4 -36.21 -20.05 -15.34
C LYS A 4 -36.62 -19.05 -14.26
N ILE A 5 -35.66 -18.70 -13.38
CA ILE A 5 -35.89 -17.72 -12.32
C ILE A 5 -36.29 -16.37 -12.88
N SER A 6 -37.22 -15.69 -12.18
CA SER A 6 -37.61 -14.33 -12.54
C SER A 6 -36.64 -13.37 -11.83
N GLY A 7 -35.64 -12.92 -12.59
CA GLY A 7 -34.63 -12.01 -12.11
C GLY A 7 -35.25 -10.78 -11.53
N GLY A 8 -35.65 -9.85 -12.39
CA GLY A 8 -36.24 -8.61 -11.95
C GLY A 8 -35.60 -7.53 -12.76
N SER A 9 -35.52 -6.33 -12.20
CA SER A 9 -35.06 -5.14 -12.92
C SER A 9 -33.57 -4.95 -12.67
N VAL A 10 -32.74 -5.20 -13.69
CA VAL A 10 -31.31 -4.96 -13.56
C VAL A 10 -30.84 -4.14 -14.76
N VAL A 11 -29.88 -3.24 -14.55
CA VAL A 11 -29.33 -2.48 -15.66
C VAL A 11 -28.02 -3.13 -16.06
N GLU A 12 -27.83 -3.38 -17.36
CA GLU A 12 -26.65 -4.03 -17.92
C GLU A 12 -25.90 -3.04 -18.78
N MET A 13 -24.56 -3.05 -18.73
CA MET A 13 -23.77 -2.09 -19.50
C MET A 13 -22.66 -2.78 -20.25
N GLN A 14 -22.78 -2.87 -21.57
CA GLN A 14 -21.82 -3.64 -22.35
C GLN A 14 -20.56 -2.81 -22.52
N GLY A 15 -19.41 -3.48 -22.56
CA GLY A 15 -18.16 -2.77 -22.72
C GLY A 15 -17.51 -3.03 -24.06
N ASP A 16 -16.20 -2.86 -24.16
CA ASP A 16 -15.49 -3.09 -25.42
C ASP A 16 -14.22 -3.91 -25.22
N GLU A 17 -13.62 -4.26 -26.35
CA GLU A 17 -12.37 -5.01 -26.48
C GLU A 17 -12.57 -6.41 -25.87
N MET A 18 -11.55 -7.00 -25.24
CA MET A 18 -11.63 -8.41 -24.82
C MET A 18 -12.82 -8.64 -23.93
N THR A 19 -13.08 -7.70 -23.06
CA THR A 19 -14.05 -8.00 -22.05
C THR A 19 -15.45 -8.00 -22.64
N ARG A 20 -15.59 -7.47 -23.85
CA ARG A 20 -16.91 -7.48 -24.47
C ARG A 20 -17.27 -8.90 -24.85
N ILE A 21 -16.29 -9.66 -25.37
CA ILE A 21 -16.52 -11.06 -25.69
C ILE A 21 -16.78 -11.89 -24.43
N ILE A 22 -16.01 -11.62 -23.36
CA ILE A 22 -16.29 -12.28 -22.10
C ILE A 22 -17.72 -12.01 -21.65
N TRP A 23 -18.18 -10.76 -21.84
CA TRP A 23 -19.48 -10.37 -21.34
C TRP A 23 -20.58 -11.23 -21.96
N GLU A 24 -20.60 -11.33 -23.30
CA GLU A 24 -21.62 -12.15 -23.99
C GLU A 24 -21.53 -13.62 -23.60
N LEU A 25 -20.32 -14.17 -23.57
CA LEU A 25 -20.15 -15.52 -23.10
C LEU A 25 -20.77 -15.69 -21.71
N ILE A 26 -20.60 -14.69 -20.83
CA ILE A 26 -21.15 -14.77 -19.48
C ILE A 26 -22.68 -14.78 -19.50
N LYS A 27 -23.31 -13.83 -20.21
CA LYS A 27 -24.76 -13.84 -20.33
C LYS A 27 -25.23 -15.12 -20.98
N GLU A 28 -24.62 -15.49 -22.10
CA GLU A 28 -25.12 -16.60 -22.90
C GLU A 28 -24.98 -17.93 -22.16
N LYS A 29 -23.82 -18.19 -21.58
CA LYS A 29 -23.54 -19.54 -21.08
C LYS A 29 -23.86 -19.71 -19.59
N LEU A 30 -23.98 -18.61 -18.80
CA LEU A 30 -24.12 -18.65 -17.34
C LEU A 30 -25.39 -18.02 -16.77
N ILE A 31 -25.84 -16.88 -17.28
CA ILE A 31 -26.94 -16.14 -16.68
C ILE A 31 -28.28 -16.45 -17.34
N PHE A 32 -28.32 -16.27 -18.66
CA PHE A 32 -29.57 -16.34 -19.41
C PHE A 32 -30.25 -17.69 -19.34
N PRO A 33 -29.56 -18.82 -19.49
CA PRO A 33 -30.28 -20.10 -19.43
C PRO A 33 -31.09 -20.27 -18.15
N TYR A 34 -30.67 -19.65 -17.06
CA TYR A 34 -31.28 -19.89 -15.77
C TYR A 34 -32.11 -18.72 -15.24
N VAL A 35 -32.02 -17.53 -15.83
CA VAL A 35 -32.68 -16.36 -15.28
C VAL A 35 -33.23 -15.51 -16.42
N GLU A 36 -34.47 -15.11 -16.28
CA GLU A 36 -35.09 -14.16 -17.18
C GLU A 36 -35.08 -12.83 -16.46
N LEU A 37 -34.63 -11.78 -17.12
CA LEU A 37 -34.52 -10.48 -16.49
C LEU A 37 -35.30 -9.44 -17.27
N ASP A 38 -35.89 -8.52 -16.54
CA ASP A 38 -36.34 -7.29 -17.19
C ASP A 38 -35.10 -6.46 -17.45
N LEU A 39 -34.43 -6.71 -18.56
CA LEU A 39 -33.06 -6.26 -18.76
C LEU A 39 -33.03 -4.88 -19.35
N HIS A 40 -32.42 -3.92 -18.65
CA HIS A 40 -32.20 -2.61 -19.26
C HIS A 40 -30.72 -2.56 -19.69
N SER A 41 -30.45 -2.97 -20.93
CA SER A 41 -29.08 -3.04 -21.45
C SER A 41 -28.73 -1.75 -22.20
N TYR A 42 -27.55 -1.21 -21.93
CA TYR A 42 -26.99 -0.04 -22.60
C TYR A 42 -25.65 -0.39 -23.24
N ASP A 43 -25.34 0.24 -24.37
CA ASP A 43 -24.14 -0.09 -25.11
C ASP A 43 -23.11 0.98 -24.82
N LEU A 44 -22.26 0.69 -23.84
CA LEU A 44 -21.17 1.58 -23.46
C LEU A 44 -19.86 1.21 -24.14
N GLY A 45 -19.92 0.58 -25.31
CA GLY A 45 -18.73 0.45 -26.14
C GLY A 45 -18.30 1.78 -26.73
N ILE A 46 -17.03 1.87 -27.10
CA ILE A 46 -16.47 3.18 -27.42
C ILE A 46 -17.06 3.72 -28.72
N GLU A 47 -17.33 2.84 -29.68
CA GLU A 47 -17.92 3.28 -30.94
C GLU A 47 -19.26 3.96 -30.71
N ASN A 48 -20.10 3.37 -29.83
CA ASN A 48 -21.43 3.92 -29.60
C ASN A 48 -21.36 5.20 -28.78
N ARG A 49 -20.65 5.18 -27.66
CA ARG A 49 -20.45 6.43 -26.92
C ARG A 49 -20.03 7.53 -27.85
N ASP A 50 -19.08 7.26 -28.74
CA ASP A 50 -18.69 8.27 -29.70
C ASP A 50 -19.89 8.69 -30.54
N ALA A 51 -20.70 7.73 -30.99
CA ALA A 51 -21.78 8.03 -31.91
C ALA A 51 -22.93 8.77 -31.21
N THR A 52 -23.25 8.41 -29.97
CA THR A 52 -24.32 9.04 -29.22
C THR A 52 -23.85 10.24 -28.42
N ASN A 53 -22.63 10.73 -28.68
CA ASN A 53 -22.02 11.84 -27.91
C ASN A 53 -22.06 11.58 -26.42
N ASP A 54 -21.59 10.41 -26.01
CA ASP A 54 -21.57 10.03 -24.61
C ASP A 54 -22.95 10.14 -23.94
N GLN A 55 -24.01 10.37 -24.71
CA GLN A 55 -25.33 10.46 -24.09
C GLN A 55 -25.77 9.15 -23.48
N VAL A 56 -25.36 8.02 -24.06
CA VAL A 56 -25.78 6.70 -23.58
C VAL A 56 -25.27 6.40 -22.17
N THR A 57 -24.07 6.84 -21.84
CA THR A 57 -23.61 6.62 -20.48
C THR A 57 -24.41 7.44 -19.49
N LYS A 58 -24.89 8.61 -19.89
CA LYS A 58 -25.67 9.36 -18.93
C LYS A 58 -27.01 8.68 -18.69
N ASP A 59 -27.57 8.06 -19.74
CA ASP A 59 -28.83 7.36 -19.59
C ASP A 59 -28.67 6.16 -18.65
N ALA A 60 -27.54 5.42 -18.79
CA ALA A 60 -27.22 4.34 -17.85
C ALA A 60 -27.21 4.82 -16.39
N ALA A 61 -26.42 5.88 -16.10
CA ALA A 61 -26.45 6.49 -14.77
C ALA A 61 -27.88 6.58 -14.24
N GLU A 62 -28.76 7.28 -14.99
CA GLU A 62 -30.11 7.62 -14.54
C GLU A 62 -30.96 6.37 -14.34
N ALA A 63 -30.64 5.31 -15.09
CA ALA A 63 -31.39 4.06 -15.02
C ALA A 63 -30.99 3.22 -13.81
N ILE A 64 -29.71 3.24 -13.43
CA ILE A 64 -29.35 2.59 -12.17
C ILE A 64 -30.00 3.35 -11.02
N LYS A 65 -30.08 4.68 -11.13
CA LYS A 65 -30.66 5.47 -10.07
C LYS A 65 -32.12 5.08 -9.88
N LYS A 66 -32.77 4.56 -10.94
CA LYS A 66 -34.17 4.16 -10.82
C LYS A 66 -34.32 2.70 -10.39
N HIS A 67 -33.69 1.78 -11.12
CA HIS A 67 -33.86 0.35 -10.90
C HIS A 67 -32.92 -0.24 -9.86
N ASN A 68 -32.02 0.56 -9.28
CA ASN A 68 -31.22 0.22 -8.09
C ASN A 68 -30.21 -0.90 -8.29
N VAL A 69 -30.02 -1.43 -9.49
CA VAL A 69 -29.02 -2.47 -9.71
C VAL A 69 -28.38 -2.25 -11.07
N GLY A 70 -27.06 -2.35 -11.14
CA GLY A 70 -26.35 -2.24 -12.41
C GLY A 70 -25.17 -3.17 -12.44
N VAL A 71 -24.86 -3.68 -13.62
CA VAL A 71 -23.68 -4.54 -13.78
C VAL A 71 -22.95 -4.13 -15.06
N LYS A 72 -21.66 -3.76 -14.93
CA LYS A 72 -20.98 -3.02 -15.99
C LYS A 72 -19.70 -3.70 -16.43
N CYS A 73 -19.59 -3.88 -17.74
CA CYS A 73 -18.44 -4.43 -18.44
C CYS A 73 -17.33 -3.38 -18.56
N ALA A 74 -16.06 -3.83 -18.56
CA ALA A 74 -14.95 -2.88 -18.60
C ALA A 74 -14.95 -2.07 -19.88
N THR A 75 -14.77 -0.75 -19.74
CA THR A 75 -14.84 0.18 -20.87
C THR A 75 -13.53 0.93 -21.03
N ILE A 76 -13.20 1.23 -22.28
CA ILE A 76 -12.01 1.99 -22.63
C ILE A 76 -12.15 3.42 -22.16
N THR A 77 -11.22 3.86 -21.32
CA THR A 77 -11.10 5.28 -21.01
C THR A 77 -10.14 5.87 -22.07
N PRO A 78 -10.62 6.57 -23.09
CA PRO A 78 -9.76 6.86 -24.25
C PRO A 78 -8.66 7.87 -23.91
N ASP A 79 -7.78 8.07 -24.88
CA ASP A 79 -6.67 9.01 -24.77
C ASP A 79 -6.32 9.51 -26.18
N GLU A 80 -5.10 10.06 -26.34
CA GLU A 80 -4.67 10.55 -27.65
C GLU A 80 -4.40 9.38 -28.61
N LYS A 81 -3.96 8.23 -28.07
CA LYS A 81 -3.68 7.09 -28.94
C LYS A 81 -4.97 6.51 -29.52
N ARG A 82 -6.06 6.58 -28.76
CA ARG A 82 -7.28 5.89 -29.16
C ARG A 82 -8.18 6.80 -29.98
N VAL A 83 -7.93 8.11 -29.99
CA VAL A 83 -8.68 8.94 -30.92
C VAL A 83 -8.13 8.77 -32.34
N GLU A 84 -6.94 8.17 -32.47
CA GLU A 84 -6.50 7.72 -33.80
C GLU A 84 -7.01 6.31 -34.11
N GLU A 85 -7.27 5.51 -33.07
CA GLU A 85 -7.73 4.16 -33.30
C GLU A 85 -9.17 4.13 -33.81
N PHE A 86 -10.02 5.00 -33.25
CA PHE A 86 -11.42 5.06 -33.61
C PHE A 86 -11.81 6.38 -34.26
N LYS A 87 -10.86 7.32 -34.39
CA LYS A 87 -11.13 8.65 -34.93
C LYS A 87 -12.25 9.31 -34.15
N LEU A 88 -12.06 9.40 -32.83
CA LEU A 88 -13.13 9.91 -32.00
C LEU A 88 -13.41 11.37 -32.33
N LYS A 89 -14.61 11.80 -31.99
CA LYS A 89 -14.98 13.18 -32.27
C LYS A 89 -14.55 14.08 -31.14
N GLN A 90 -14.18 13.48 -30.00
CA GLN A 90 -13.74 14.24 -28.84
C GLN A 90 -13.24 13.23 -27.83
N MET A 91 -12.27 13.64 -27.02
CA MET A 91 -11.72 12.74 -26.01
C MET A 91 -12.75 12.62 -24.90
N TRP A 92 -13.54 11.55 -24.93
CA TRP A 92 -14.61 11.42 -23.95
C TRP A 92 -14.08 11.16 -22.55
N LYS A 93 -14.84 11.62 -21.56
CA LYS A 93 -14.54 11.36 -20.15
C LYS A 93 -14.64 9.87 -19.86
N SER A 94 -14.19 9.49 -18.69
CA SER A 94 -14.28 8.09 -18.31
C SER A 94 -15.74 7.74 -18.05
N PRO A 95 -16.27 6.68 -18.68
CA PRO A 95 -17.61 6.20 -18.32
C PRO A 95 -17.77 5.88 -16.84
N ASN A 96 -16.78 5.22 -16.25
CA ASN A 96 -16.81 4.93 -14.81
C ASN A 96 -16.87 6.19 -13.96
N GLY A 97 -16.11 7.22 -14.32
CA GLY A 97 -16.23 8.48 -13.62
C GLY A 97 -17.61 9.09 -13.73
N THR A 98 -18.18 9.05 -14.96
CA THR A 98 -19.41 9.78 -15.24
C THR A 98 -20.60 9.16 -14.52
N ILE A 99 -20.49 7.88 -14.19
CA ILE A 99 -21.54 7.22 -13.42
C ILE A 99 -21.33 7.44 -11.94
N ARG A 100 -20.07 7.52 -11.50
CA ARG A 100 -19.85 7.74 -10.08
C ARG A 100 -20.22 9.16 -9.70
N ASN A 101 -19.99 10.11 -10.62
CA ASN A 101 -20.34 11.50 -10.36
C ASN A 101 -21.85 11.66 -10.29
N ILE A 102 -22.57 10.95 -11.15
CA ILE A 102 -24.01 11.13 -11.23
C ILE A 102 -24.70 10.36 -10.13
N LEU A 103 -24.34 9.10 -9.96
CA LEU A 103 -25.08 8.23 -9.05
C LEU A 103 -24.67 8.43 -7.59
N GLY A 104 -23.41 8.79 -7.32
CA GLY A 104 -22.81 8.93 -5.99
C GLY A 104 -22.67 7.59 -5.30
N GLY A 105 -22.03 7.58 -4.12
CA GLY A 105 -21.82 6.38 -3.33
C GLY A 105 -20.34 6.12 -3.09
N THR A 106 -20.01 4.89 -2.66
CA THR A 106 -18.68 4.52 -2.16
C THR A 106 -18.19 3.19 -2.73
N VAL A 107 -17.06 3.20 -3.45
CA VAL A 107 -16.62 1.99 -4.12
C VAL A 107 -16.06 1.03 -3.08
N PHE A 108 -16.28 -0.26 -3.31
CA PHE A 108 -15.81 -1.31 -2.41
C PHE A 108 -15.16 -2.40 -3.26
N ARG A 109 -13.86 -2.61 -3.07
CA ARG A 109 -13.13 -3.62 -3.83
C ARG A 109 -12.92 -4.86 -2.98
N GLU A 110 -12.89 -6.00 -3.64
CA GLU A 110 -12.71 -7.25 -2.93
C GLU A 110 -12.06 -8.25 -3.85
N ALA A 111 -11.03 -8.89 -3.34
CA ALA A 111 -10.35 -9.92 -4.11
C ALA A 111 -11.01 -11.24 -3.77
N ILE A 112 -11.16 -12.07 -4.78
CA ILE A 112 -11.78 -13.38 -4.65
C ILE A 112 -10.65 -14.37 -4.47
N ILE A 113 -10.73 -15.21 -3.44
CA ILE A 113 -9.60 -16.04 -3.02
C ILE A 113 -9.94 -17.52 -3.19
N CYS A 114 -9.04 -18.25 -3.85
CA CYS A 114 -9.13 -19.71 -3.95
C CYS A 114 -8.13 -20.35 -2.98
N LYS A 115 -8.51 -21.50 -2.40
CA LYS A 115 -7.66 -22.09 -1.36
C LYS A 115 -6.33 -22.52 -1.92
N ASN A 116 -6.20 -22.68 -3.23
CA ASN A 116 -4.98 -23.18 -3.81
C ASN A 116 -4.24 -22.12 -4.60
N ILE A 117 -4.51 -20.85 -4.35
CA ILE A 117 -3.77 -19.82 -5.04
C ILE A 117 -2.84 -19.16 -4.02
N PRO A 118 -1.70 -18.63 -4.46
CA PRO A 118 -0.87 -17.83 -3.56
C PRO A 118 -1.59 -16.59 -3.08
N ARG A 119 -1.09 -16.05 -1.98
CA ARG A 119 -1.69 -14.87 -1.39
C ARG A 119 -0.58 -14.05 -0.77
N LEU A 120 -0.90 -12.78 -0.42
CA LEU A 120 0.08 -11.90 0.24
C LEU A 120 0.45 -12.45 1.61
N VAL A 121 -0.53 -12.56 2.50
CA VAL A 121 -0.37 -13.27 3.77
C VAL A 121 -1.26 -14.52 3.66
N SER A 122 -0.66 -15.69 3.91
CA SER A 122 -1.38 -16.95 3.71
C SER A 122 -2.42 -17.20 4.80
N GLY A 123 -2.58 -16.27 5.74
CA GLY A 123 -3.62 -16.42 6.74
C GLY A 123 -4.97 -15.90 6.27
N TRP A 124 -4.99 -15.10 5.20
CA TRP A 124 -6.23 -14.48 4.71
C TRP A 124 -7.01 -15.53 3.93
N VAL A 125 -7.61 -16.48 4.65
CA VAL A 125 -8.54 -17.42 4.02
C VAL A 125 -9.89 -16.77 3.68
N LYS A 126 -10.33 -15.76 4.47
CA LYS A 126 -11.51 -14.94 4.15
C LYS A 126 -11.10 -13.67 3.43
N PRO A 127 -11.81 -13.27 2.38
CA PRO A 127 -11.43 -12.06 1.65
C PRO A 127 -11.58 -10.79 2.47
N ILE A 128 -10.87 -9.76 2.01
CA ILE A 128 -10.84 -8.44 2.63
C ILE A 128 -11.52 -7.46 1.70
N ILE A 129 -12.54 -6.75 2.23
CA ILE A 129 -13.35 -5.78 1.49
C ILE A 129 -12.82 -4.40 1.81
N ILE A 130 -12.02 -3.82 0.93
CA ILE A 130 -11.40 -2.53 1.18
C ILE A 130 -12.13 -1.48 0.38
N GLY A 131 -12.82 -0.59 1.07
CA GLY A 131 -13.44 0.43 0.24
C GLY A 131 -13.13 1.83 0.70
N HIS A 132 -12.35 2.62 -0.05
CA HIS A 132 -11.97 3.94 0.44
C HIS A 132 -12.61 5.03 -0.40
N HIS A 133 -13.37 5.92 0.27
CA HIS A 133 -13.97 7.16 -0.25
C HIS A 133 -14.94 6.99 -1.42
N ALA A 134 -15.13 8.07 -2.18
CA ALA A 134 -16.13 8.11 -3.26
C ALA A 134 -15.51 8.77 -4.48
N TYR A 135 -16.19 8.59 -5.64
CA TYR A 135 -15.93 9.28 -6.91
C TYR A 135 -14.78 8.67 -7.73
N GLY A 136 -13.99 7.79 -7.12
CA GLY A 136 -12.67 7.44 -7.60
C GLY A 136 -11.56 8.31 -7.04
N ASP A 137 -11.90 9.49 -6.53
CA ASP A 137 -11.02 10.48 -5.89
C ASP A 137 -11.91 11.57 -5.31
N GLN A 138 -11.57 12.06 -4.10
CA GLN A 138 -12.20 13.29 -3.61
C GLN A 138 -12.03 14.38 -4.66
N TYR A 139 -13.16 14.88 -5.17
CA TYR A 139 -13.17 15.73 -6.36
C TYR A 139 -12.10 16.82 -6.25
N ARG A 140 -11.06 16.68 -7.08
CA ARG A 140 -9.95 17.63 -7.26
C ARG A 140 -9.09 17.73 -6.01
N ALA A 141 -8.03 18.52 -6.13
CA ALA A 141 -7.20 18.98 -5.04
C ALA A 141 -6.32 20.03 -5.69
N THR A 142 -6.84 21.25 -5.78
CA THR A 142 -6.20 22.35 -6.48
C THR A 142 -4.79 22.59 -5.95
N ASP A 143 -3.80 22.50 -6.83
CA ASP A 143 -2.40 22.55 -6.45
C ASP A 143 -1.60 23.42 -7.42
N PHE A 144 -0.78 24.32 -6.89
CA PHE A 144 -0.05 25.20 -7.79
C PHE A 144 1.43 25.13 -7.46
N VAL A 145 2.20 26.07 -7.98
CA VAL A 145 3.62 25.84 -8.13
C VAL A 145 4.50 26.83 -7.39
N VAL A 146 3.96 27.91 -6.83
CA VAL A 146 4.77 28.76 -5.94
C VAL A 146 6.18 29.02 -6.49
N PRO A 147 6.35 29.76 -7.58
CA PRO A 147 7.68 29.82 -8.21
C PRO A 147 8.73 30.55 -7.38
N GLY A 148 8.35 31.49 -6.53
CA GLY A 148 9.31 32.22 -5.72
C GLY A 148 8.79 32.58 -4.35
N PRO A 149 9.50 33.47 -3.67
CA PRO A 149 9.13 33.83 -2.29
C PRO A 149 7.82 34.61 -2.19
N GLY A 150 7.12 34.40 -1.07
CA GLY A 150 5.83 34.98 -0.78
C GLY A 150 4.97 34.05 0.04
N LYS A 151 3.96 34.62 0.71
CA LYS A 151 3.07 33.88 1.60
C LYS A 151 2.02 33.10 0.80
N VAL A 152 1.77 31.86 1.22
CA VAL A 152 0.63 31.05 0.76
C VAL A 152 -0.31 30.87 1.94
N GLU A 153 -1.52 31.32 1.80
CA GLU A 153 -2.48 31.18 2.86
C GLU A 153 -3.82 30.72 2.29
N ILE A 154 -4.52 29.92 3.09
CA ILE A 154 -5.82 29.34 2.74
C ILE A 154 -6.86 30.00 3.62
N THR A 155 -7.90 30.57 3.01
CA THR A 155 -8.91 31.35 3.72
C THR A 155 -10.30 30.73 3.58
N TYR A 156 -11.11 30.87 4.64
CA TYR A 156 -12.52 30.45 4.70
C TYR A 156 -13.40 31.68 4.86
N THR A 157 -14.22 32.00 3.85
CA THR A 157 -15.02 33.23 3.91
C THR A 157 -16.49 32.87 4.09
N PRO A 158 -17.14 33.11 5.22
CA PRO A 158 -18.47 32.55 5.42
C PRO A 158 -19.52 33.31 4.62
N SER A 159 -20.42 32.52 4.02
CA SER A 159 -21.50 32.98 3.15
C SER A 159 -22.43 33.99 3.80
N ASP A 160 -22.58 33.94 5.14
CA ASP A 160 -23.40 34.87 5.90
C ASP A 160 -22.62 36.12 6.30
N GLY A 161 -21.59 36.48 5.53
CA GLY A 161 -20.96 37.79 5.61
C GLY A 161 -20.29 38.07 6.93
N THR A 162 -19.95 37.01 7.69
CA THR A 162 -19.30 37.09 9.00
C THR A 162 -17.80 37.29 8.79
N GLN A 163 -17.05 37.34 9.88
CA GLN A 163 -15.61 37.55 9.78
C GLN A 163 -14.98 36.46 8.90
N LYS A 164 -14.10 36.91 8.01
CA LYS A 164 -13.24 36.04 7.20
C LYS A 164 -12.13 35.49 8.08
N VAL A 165 -11.64 34.30 7.74
CA VAL A 165 -10.63 33.58 8.52
C VAL A 165 -9.48 33.16 7.61
N THR A 166 -8.27 33.68 7.84
CA THR A 166 -7.10 33.23 7.09
C THR A 166 -6.21 32.33 7.92
N TYR A 167 -5.42 31.47 7.27
CA TYR A 167 -4.67 30.48 8.02
C TYR A 167 -3.17 30.48 7.76
N LEU A 168 -2.69 30.85 6.57
CA LEU A 168 -1.24 30.81 6.30
C LEU A 168 -0.63 29.42 6.33
N VAL A 169 -0.63 28.76 5.16
CA VAL A 169 -0.08 27.43 5.09
C VAL A 169 1.45 27.46 5.08
N HIS A 170 2.04 28.49 4.47
CA HIS A 170 3.47 28.70 4.63
C HIS A 170 3.92 30.02 4.00
N ASN A 171 4.80 30.71 4.71
CA ASN A 171 5.51 31.87 4.17
C ASN A 171 6.87 31.44 3.66
N PHE A 172 7.07 31.61 2.36
CA PHE A 172 8.29 31.25 1.64
C PHE A 172 9.24 32.43 1.67
N GLU A 173 10.09 32.43 2.70
CA GLU A 173 11.05 33.50 2.92
C GLU A 173 12.00 33.65 1.74
N GLU A 174 12.46 32.53 1.20
CA GLU A 174 13.37 32.50 0.07
C GLU A 174 13.29 31.12 -0.54
N GLY A 175 13.41 31.09 -1.86
CA GLY A 175 13.31 29.86 -2.62
C GLY A 175 11.91 29.63 -3.14
N GLY A 176 11.82 28.63 -3.99
CA GLY A 176 10.55 28.26 -4.61
C GLY A 176 9.71 27.39 -3.68
N GLY A 177 8.87 26.57 -4.31
CA GLY A 177 8.07 25.61 -3.57
C GLY A 177 6.94 25.05 -4.43
N VAL A 178 6.00 24.41 -3.73
CA VAL A 178 4.79 23.77 -4.25
C VAL A 178 3.71 23.90 -3.20
N ALA A 179 2.47 24.06 -3.64
CA ALA A 179 1.37 24.19 -2.69
C ALA A 179 0.22 23.30 -3.13
N MET A 180 -0.73 23.14 -2.22
CA MET A 180 -1.73 22.10 -2.37
C MET A 180 -2.95 22.51 -1.59
N GLY A 181 -4.10 21.94 -1.94
CA GLY A 181 -5.34 22.24 -1.26
C GLY A 181 -6.36 21.15 -1.42
N MET A 182 -6.82 20.60 -0.30
CA MET A 182 -7.81 19.54 -0.32
C MET A 182 -9.01 20.03 0.49
N TYR A 183 -10.04 19.22 0.54
CA TYR A 183 -11.23 19.59 1.31
C TYR A 183 -12.09 18.35 1.40
N ASN A 184 -13.09 18.38 2.26
CA ASN A 184 -13.96 17.24 2.30
C ASN A 184 -15.26 17.72 2.91
N GLN A 185 -16.28 17.87 2.07
CA GLN A 185 -17.61 18.27 2.51
C GLN A 185 -18.08 17.32 3.60
N ASP A 186 -19.15 17.70 4.28
CA ASP A 186 -19.58 16.94 5.43
C ASP A 186 -20.51 15.83 4.98
N LYS A 187 -21.37 16.15 4.03
CA LYS A 187 -22.29 15.16 3.52
C LYS A 187 -21.52 13.97 2.96
N SER A 188 -20.40 14.20 2.26
CA SER A 188 -19.66 13.08 1.71
C SER A 188 -19.05 12.19 2.80
N ILE A 189 -19.05 12.64 4.07
CA ILE A 189 -18.56 11.77 5.13
C ILE A 189 -19.69 10.93 5.70
N GLU A 190 -20.88 11.51 5.76
CA GLU A 190 -22.05 10.74 6.18
C GLU A 190 -22.44 9.71 5.13
N ASP A 191 -22.35 10.09 3.86
CA ASP A 191 -22.55 9.13 2.77
C ASP A 191 -21.51 8.02 2.86
N PHE A 192 -20.25 8.37 3.17
CA PHE A 192 -19.21 7.36 3.42
C PHE A 192 -19.52 6.56 4.68
N ALA A 193 -20.11 7.18 5.69
CA ALA A 193 -20.40 6.43 6.90
C ALA A 193 -21.48 5.40 6.63
N HIS A 194 -22.59 5.84 6.05
CA HIS A 194 -23.71 4.96 5.85
C HIS A 194 -23.34 3.82 4.90
N SER A 195 -22.81 4.16 3.70
CA SER A 195 -22.38 3.14 2.74
C SER A 195 -21.54 2.06 3.41
N SER A 196 -20.47 2.45 4.10
CA SER A 196 -19.57 1.47 4.72
C SER A 196 -20.26 0.74 5.88
N PHE A 197 -21.09 1.45 6.65
CA PHE A 197 -21.83 0.75 7.69
C PHE A 197 -22.75 -0.33 7.09
N GLN A 198 -23.37 -0.04 5.94
CA GLN A 198 -24.35 -0.97 5.35
C GLN A 198 -23.66 -2.24 4.86
N MET A 199 -22.53 -2.10 4.17
CA MET A 199 -21.75 -3.25 3.73
C MET A 199 -21.37 -4.17 4.88
N ALA A 200 -21.25 -3.63 6.09
CA ALA A 200 -20.95 -4.49 7.23
C ALA A 200 -22.16 -5.39 7.52
N LEU A 201 -23.37 -4.83 7.47
CA LEU A 201 -24.57 -5.66 7.67
C LEU A 201 -24.78 -6.58 6.49
N SER A 202 -24.75 -6.03 5.28
CA SER A 202 -24.91 -6.84 4.07
C SER A 202 -23.98 -8.04 4.02
N LYS A 203 -22.77 -7.93 4.60
CA LYS A 203 -21.82 -9.03 4.57
C LYS A 203 -21.67 -9.75 5.89
N GLY A 204 -22.23 -9.23 6.97
CA GLY A 204 -22.06 -9.91 8.25
C GLY A 204 -20.63 -9.94 8.76
N TRP A 205 -19.85 -8.93 8.42
CA TRP A 205 -18.46 -8.82 8.82
C TRP A 205 -18.22 -7.55 9.62
N PRO A 206 -17.16 -7.52 10.43
CA PRO A 206 -16.82 -6.30 11.19
C PRO A 206 -16.26 -5.18 10.31
N LEU A 207 -16.51 -3.94 10.73
CA LEU A 207 -16.11 -2.74 9.99
C LEU A 207 -15.07 -1.97 10.78
N TYR A 208 -13.98 -1.59 10.10
CA TYR A 208 -12.90 -0.84 10.71
C TYR A 208 -12.74 0.50 9.98
N LEU A 209 -12.55 1.56 10.76
CA LEU A 209 -12.14 2.84 10.21
C LEU A 209 -10.69 3.10 10.59
N SER A 210 -9.92 3.67 9.66
CA SER A 210 -8.53 4.01 9.93
C SER A 210 -8.23 5.43 9.47
N THR A 211 -7.59 6.20 10.33
CA THR A 211 -7.23 7.58 10.01
C THR A 211 -5.85 7.89 10.57
N LYS A 212 -5.42 9.13 10.35
CA LYS A 212 -4.20 9.71 10.87
C LYS A 212 -4.52 10.97 11.66
N ASN A 213 -5.52 10.87 12.55
CA ASN A 213 -5.95 12.02 13.34
C ASN A 213 -4.82 12.53 14.24
N THR A 214 -3.83 11.67 14.53
CA THR A 214 -2.68 12.08 15.32
C THR A 214 -1.90 13.21 14.65
N ILE A 215 -1.65 13.10 13.35
CA ILE A 215 -0.89 14.13 12.64
C ILE A 215 -1.82 15.25 12.21
N LEU A 216 -2.91 14.90 11.54
CA LEU A 216 -3.89 15.89 11.11
C LEU A 216 -4.87 16.20 12.22
N LYS A 217 -4.83 17.46 12.68
CA LYS A 217 -5.63 17.99 13.76
C LYS A 217 -7.05 17.48 13.65
N LYS A 218 -7.84 18.17 12.86
CA LYS A 218 -9.25 17.83 12.84
C LYS A 218 -9.77 17.44 11.45
N TYR A 219 -8.88 17.20 10.49
CA TYR A 219 -9.34 16.63 9.23
C TYR A 219 -9.71 15.17 9.46
N ASP A 220 -8.72 14.34 9.79
CA ASP A 220 -8.97 12.94 10.04
C ASP A 220 -9.83 12.73 11.29
N GLY A 221 -9.79 13.67 12.23
CA GLY A 221 -10.66 13.57 13.40
C GLY A 221 -12.12 13.62 13.02
N ARG A 222 -12.49 14.59 12.19
CA ARG A 222 -13.88 14.75 11.76
C ARG A 222 -14.47 13.45 11.21
N PHE A 223 -13.65 12.64 10.54
CA PHE A 223 -14.09 11.30 10.15
C PHE A 223 -14.46 10.47 11.36
N LYS A 224 -13.49 10.23 12.26
CA LYS A 224 -13.72 9.45 13.47
C LYS A 224 -14.98 9.92 14.20
N ASP A 225 -15.13 11.24 14.32
CA ASP A 225 -16.26 11.78 15.08
C ASP A 225 -17.59 11.43 14.44
N ILE A 226 -17.71 11.62 13.12
CA ILE A 226 -18.99 11.42 12.44
C ILE A 226 -19.38 9.94 12.42
N PHE A 227 -18.40 9.05 12.35
CA PHE A 227 -18.69 7.62 12.41
C PHE A 227 -19.23 7.23 13.78
N GLN A 228 -18.56 7.67 14.84
CA GLN A 228 -19.07 7.39 16.18
C GLN A 228 -20.47 7.96 16.35
N GLU A 229 -20.68 9.21 15.90
CA GLU A 229 -22.00 9.83 15.95
C GLU A 229 -23.05 9.01 15.21
N ILE A 230 -22.72 8.56 13.99
CA ILE A 230 -23.64 7.75 13.21
C ILE A 230 -23.74 6.34 13.77
N TYR A 231 -22.62 5.80 14.27
CA TYR A 231 -22.61 4.41 14.73
C TYR A 231 -23.44 4.23 16.00
N ASP A 232 -23.49 5.26 16.86
CA ASP A 232 -24.28 5.14 18.08
C ASP A 232 -25.73 5.62 17.86
N LYS A 233 -25.96 6.51 16.90
CA LYS A 233 -27.32 6.97 16.60
C LYS A 233 -28.10 5.94 15.77
N GLN A 234 -27.43 5.30 14.81
CA GLN A 234 -28.02 4.25 13.98
C GLN A 234 -27.04 3.09 13.96
N TYR A 235 -27.52 1.94 13.52
CA TYR A 235 -26.72 0.76 13.22
C TYR A 235 -26.10 0.09 14.46
N LYS A 236 -26.18 0.67 15.66
CA LYS A 236 -25.54 0.02 16.80
C LYS A 236 -26.32 -1.19 17.26
N SER A 237 -27.65 -1.08 17.30
CA SER A 237 -28.49 -2.22 17.66
C SER A 237 -28.50 -3.25 16.54
N GLN A 238 -28.34 -2.80 15.28
CA GLN A 238 -28.30 -3.72 14.15
C GLN A 238 -26.99 -4.53 14.12
N PHE A 239 -25.89 -3.95 14.63
CA PHE A 239 -24.63 -4.70 14.70
C PHE A 239 -24.65 -5.70 15.84
N GLU A 240 -25.29 -5.36 16.96
CA GLU A 240 -25.39 -6.29 18.08
C GLU A 240 -26.05 -7.59 17.66
N ALA A 241 -27.03 -7.49 16.75
CA ALA A 241 -27.69 -8.69 16.24
C ALA A 241 -26.69 -9.62 15.59
N GLN A 242 -26.17 -9.22 14.46
CA GLN A 242 -25.33 -10.15 13.72
C GLN A 242 -23.90 -10.18 14.22
N LYS A 243 -23.65 -10.11 15.54
CA LYS A 243 -22.30 -10.29 16.08
C LYS A 243 -21.32 -9.18 15.68
N ILE A 244 -21.65 -8.40 14.64
CA ILE A 244 -20.76 -7.38 14.12
C ILE A 244 -20.52 -6.29 15.16
N TRP A 245 -19.27 -5.83 15.23
CA TRP A 245 -18.94 -4.66 16.01
C TRP A 245 -18.17 -3.70 15.11
N TYR A 246 -18.15 -2.43 15.51
CA TYR A 246 -17.36 -1.42 14.82
C TYR A 246 -16.35 -0.82 15.79
N GLU A 247 -15.15 -0.54 15.29
CA GLU A 247 -14.15 0.21 16.05
C GLU A 247 -13.17 0.88 15.09
N HIS A 248 -12.63 2.02 15.54
CA HIS A 248 -11.67 2.80 14.78
C HIS A 248 -10.28 2.60 15.40
N ARG A 249 -9.35 2.07 14.65
CA ARG A 249 -7.97 2.01 15.10
C ARG A 249 -7.09 2.91 14.23
N LEU A 250 -5.90 3.24 14.76
CA LEU A 250 -4.92 4.00 14.00
C LEU A 250 -4.43 3.20 12.81
N ILE A 251 -4.12 3.91 11.73
CA ILE A 251 -3.81 3.25 10.46
C ILE A 251 -2.58 2.36 10.59
N ASP A 252 -1.59 2.81 11.37
CA ASP A 252 -0.34 2.07 11.43
C ASP A 252 -0.49 0.74 12.19
N ASP A 253 -1.33 0.72 13.23
CA ASP A 253 -1.71 -0.55 13.86
C ASP A 253 -2.55 -1.41 12.93
N MET A 254 -3.45 -0.79 12.18
CA MET A 254 -4.35 -1.53 11.30
C MET A 254 -3.59 -2.19 10.14
N VAL A 255 -2.51 -1.56 9.67
CA VAL A 255 -1.71 -2.12 8.58
C VAL A 255 -1.06 -3.44 8.99
N ALA A 256 -0.50 -3.47 10.21
CA ALA A 256 0.03 -4.71 10.77
C ALA A 256 -1.06 -5.66 11.25
N GLN A 257 -2.20 -5.15 11.71
CA GLN A 257 -3.28 -6.02 12.16
C GLN A 257 -3.94 -6.73 10.98
N ALA A 258 -3.80 -6.16 9.77
CA ALA A 258 -4.24 -6.84 8.56
C ALA A 258 -3.44 -8.13 8.34
N MET A 259 -2.11 -8.01 8.31
CA MET A 259 -1.26 -9.19 8.26
C MET A 259 -1.52 -10.11 9.45
N LYS A 260 -1.82 -9.54 10.61
CA LYS A 260 -2.15 -10.33 11.80
C LYS A 260 -3.51 -10.98 11.66
N SER A 261 -4.42 -10.35 10.91
CA SER A 261 -5.76 -10.88 10.73
C SER A 261 -5.76 -12.12 9.84
N GLU A 262 -6.88 -12.84 9.90
CA GLU A 262 -7.15 -13.99 9.06
C GLU A 262 -8.12 -13.68 7.92
N GLY A 263 -8.49 -12.41 7.74
CA GLY A 263 -9.45 -12.02 6.73
C GLY A 263 -10.85 -11.84 7.27
N GLY A 264 -11.72 -11.30 6.41
CA GLY A 264 -13.14 -11.23 6.72
C GLY A 264 -13.56 -10.03 7.53
N PHE A 265 -13.20 -8.85 7.04
CA PHE A 265 -13.68 -7.60 7.62
C PHE A 265 -13.68 -6.53 6.54
N ILE A 266 -14.29 -5.41 6.86
CA ILE A 266 -14.38 -4.27 5.96
C ILE A 266 -13.47 -3.18 6.49
N TRP A 267 -12.71 -2.59 5.61
CA TRP A 267 -11.71 -1.60 5.96
C TRP A 267 -11.96 -0.34 5.14
N ALA A 268 -12.41 0.73 5.79
CA ALA A 268 -12.61 2.01 5.10
C ALA A 268 -11.46 2.92 5.48
N CYS A 269 -10.48 3.10 4.58
CA CYS A 269 -9.32 3.94 4.91
C CYS A 269 -9.29 5.19 4.03
N LYS A 270 -9.32 6.36 4.67
CA LYS A 270 -9.13 7.62 3.96
C LYS A 270 -7.71 7.69 3.40
N ASN A 271 -7.58 7.49 2.09
CA ASN A 271 -6.28 7.50 1.41
C ASN A 271 -5.54 8.83 1.59
N GLY A 284 -1.05 -2.90 -8.25
CA GLY A 284 -2.05 -3.64 -7.49
C GLY A 284 -1.99 -5.15 -7.68
N TYR A 285 -1.28 -5.83 -6.78
CA TYR A 285 -1.12 -7.26 -6.90
C TYR A 285 -2.41 -8.01 -6.59
N GLY A 286 -2.58 -9.14 -7.28
CA GLY A 286 -3.77 -9.96 -7.12
C GLY A 286 -4.31 -10.47 -8.44
N SER A 287 -3.44 -11.04 -9.27
CA SER A 287 -3.73 -11.59 -10.59
C SER A 287 -4.45 -10.61 -11.51
N LEU A 288 -4.83 -9.45 -10.99
CA LEU A 288 -5.43 -8.38 -11.76
C LEU A 288 -6.68 -8.86 -12.46
N GLY A 289 -7.31 -9.89 -11.93
CA GLY A 289 -8.38 -10.52 -12.67
C GLY A 289 -9.28 -11.29 -11.73
N MET A 290 -9.10 -11.04 -10.43
CA MET A 290 -9.92 -11.59 -9.35
C MET A 290 -10.46 -10.50 -8.43
N MET A 291 -10.48 -9.27 -8.88
CA MET A 291 -10.88 -8.16 -8.04
C MET A 291 -12.11 -7.48 -8.61
N THR A 292 -13.13 -7.34 -7.78
CA THR A 292 -14.43 -6.85 -8.19
C THR A 292 -14.80 -5.64 -7.36
N SER A 293 -14.95 -4.47 -8.00
CA SER A 293 -15.36 -3.27 -7.30
C SER A 293 -16.88 -3.12 -7.33
N VAL A 294 -17.46 -2.67 -6.22
CA VAL A 294 -18.90 -2.44 -6.07
C VAL A 294 -19.12 -1.04 -5.54
N LEU A 295 -19.91 -0.23 -6.24
CA LEU A 295 -20.29 1.11 -5.80
C LEU A 295 -21.60 1.05 -5.02
N VAL A 296 -21.55 1.21 -3.70
CA VAL A 296 -22.76 1.18 -2.88
C VAL A 296 -23.15 2.61 -2.51
N CYS A 297 -24.39 2.96 -2.84
CA CYS A 297 -24.83 4.33 -2.70
C CYS A 297 -25.34 4.57 -1.30
N PRO A 298 -25.53 5.83 -0.91
CA PRO A 298 -25.82 6.11 0.51
C PRO A 298 -27.21 5.62 0.93
N ASP A 299 -28.15 5.58 -0.01
CA ASP A 299 -29.51 5.13 0.28
C ASP A 299 -29.58 3.64 0.63
N GLY A 300 -28.61 2.84 0.21
CA GLY A 300 -28.67 1.43 0.53
C GLY A 300 -29.58 0.64 -0.36
N LYS A 301 -30.10 1.27 -1.40
CA LYS A 301 -30.74 0.55 -2.48
C LYS A 301 -29.80 0.40 -3.65
N THR A 302 -29.50 1.48 -4.38
CA THR A 302 -28.83 1.39 -5.68
C THR A 302 -27.36 1.06 -5.48
N VAL A 303 -26.84 0.17 -6.33
CA VAL A 303 -25.53 -0.46 -6.19
C VAL A 303 -25.09 -0.88 -7.58
N GLU A 304 -23.91 -0.43 -8.03
CA GLU A 304 -23.36 -0.80 -9.33
C GLU A 304 -22.17 -1.73 -9.14
N ALA A 305 -22.23 -2.93 -9.70
CA ALA A 305 -21.11 -3.87 -9.63
C ALA A 305 -20.36 -3.90 -10.97
N GLU A 306 -19.06 -4.16 -10.89
CA GLU A 306 -18.23 -4.23 -12.08
C GLU A 306 -16.85 -4.78 -11.71
N ALA A 307 -16.10 -5.16 -12.75
CA ALA A 307 -14.78 -5.70 -12.52
C ALA A 307 -13.75 -4.57 -12.43
N ALA A 308 -12.63 -4.85 -11.76
CA ALA A 308 -11.70 -3.83 -11.31
C ALA A 308 -10.48 -3.71 -12.20
N HIS A 309 -10.48 -4.32 -13.37
CA HIS A 309 -9.34 -4.31 -14.27
C HIS A 309 -9.67 -3.44 -15.48
N GLY A 310 -9.64 -3.93 -16.71
CA GLY A 310 -9.77 -3.07 -17.86
C GLY A 310 -10.11 -3.86 -19.09
N THR A 311 -9.96 -3.26 -20.26
CA THR A 311 -10.58 -3.94 -21.39
C THR A 311 -9.71 -5.06 -21.94
N VAL A 312 -8.56 -5.30 -21.29
CA VAL A 312 -7.56 -6.32 -21.65
C VAL A 312 -7.15 -6.22 -23.12
N THR A 313 -6.74 -5.01 -23.57
CA THR A 313 -6.49 -4.75 -24.99
C THR A 313 -5.41 -5.65 -25.57
N ARG A 314 -4.42 -6.07 -24.77
CA ARG A 314 -3.40 -6.97 -25.29
C ARG A 314 -4.02 -8.33 -25.64
N HIS A 315 -4.89 -8.86 -24.77
CA HIS A 315 -5.56 -10.11 -25.11
C HIS A 315 -6.59 -9.94 -26.22
N TYR A 316 -7.01 -8.72 -26.49
CA TYR A 316 -7.95 -8.51 -27.60
C TYR A 316 -7.23 -8.64 -28.93
N ARG A 317 -5.96 -8.19 -29.01
CA ARG A 317 -5.22 -8.31 -30.26
C ARG A 317 -4.97 -9.77 -30.61
N MET A 318 -4.78 -10.61 -29.59
CA MET A 318 -4.68 -12.04 -29.86
C MET A 318 -5.99 -12.58 -30.42
N TYR A 319 -7.11 -12.05 -29.93
CA TYR A 319 -8.39 -12.45 -30.49
C TYR A 319 -8.56 -11.91 -31.91
N GLN A 320 -8.25 -10.61 -32.11
CA GLN A 320 -8.34 -9.99 -33.43
C GLN A 320 -7.50 -10.74 -34.45
N LYS A 321 -6.23 -10.96 -34.14
CA LYS A 321 -5.35 -11.69 -35.05
C LYS A 321 -5.63 -13.19 -35.10
N GLY A 322 -6.73 -13.66 -34.52
CA GLY A 322 -7.12 -15.05 -34.58
C GLY A 322 -6.53 -15.95 -33.51
N GLN A 323 -5.44 -15.51 -32.86
CA GLN A 323 -4.70 -16.31 -31.90
C GLN A 323 -5.62 -16.89 -30.82
N GLU A 324 -5.10 -17.90 -30.15
CA GLU A 324 -5.73 -18.41 -28.95
C GLU A 324 -5.61 -17.37 -27.83
N THR A 325 -6.65 -17.27 -27.02
CA THR A 325 -6.57 -16.35 -25.91
C THR A 325 -6.98 -17.09 -24.65
N SER A 326 -6.33 -16.80 -23.52
CA SER A 326 -6.77 -17.34 -22.21
C SER A 326 -7.03 -16.20 -21.23
N THR A 327 -8.20 -15.59 -21.31
CA THR A 327 -8.54 -14.49 -20.43
C THR A 327 -9.43 -14.95 -19.28
N ASN A 328 -9.26 -14.30 -18.14
CA ASN A 328 -9.92 -14.73 -16.91
C ASN A 328 -11.27 -14.02 -16.79
N PRO A 329 -12.37 -14.75 -16.62
CA PRO A 329 -13.67 -14.09 -16.52
C PRO A 329 -14.21 -13.90 -15.10
N ILE A 330 -13.53 -14.43 -14.06
CA ILE A 330 -14.12 -14.44 -12.71
C ILE A 330 -14.46 -13.04 -12.24
N ALA A 331 -13.59 -12.07 -12.52
CA ALA A 331 -13.87 -10.72 -12.08
C ALA A 331 -15.15 -10.19 -12.70
N SER A 332 -15.37 -10.41 -14.01
CA SER A 332 -16.63 -9.98 -14.60
C SER A 332 -17.81 -10.79 -14.05
N ILE A 333 -17.69 -12.12 -14.03
CA ILE A 333 -18.73 -12.98 -13.47
C ILE A 333 -19.27 -12.38 -12.16
N PHE A 334 -18.41 -12.24 -11.15
CA PHE A 334 -18.84 -11.75 -9.84
C PHE A 334 -19.40 -10.33 -9.89
N ALA A 335 -19.31 -9.62 -11.02
CA ALA A 335 -20.12 -8.42 -11.15
C ALA A 335 -21.58 -8.81 -11.31
N TRP A 336 -21.87 -9.80 -12.16
CA TRP A 336 -23.23 -10.32 -12.24
C TRP A 336 -23.70 -10.85 -10.89
N THR A 337 -22.84 -11.60 -10.17
CA THR A 337 -23.33 -12.35 -9.02
C THR A 337 -23.53 -11.45 -7.81
N ARG A 338 -22.79 -10.33 -7.73
CA ARG A 338 -23.06 -9.33 -6.68
C ARG A 338 -24.32 -8.54 -7.02
N GLY A 339 -24.43 -8.06 -8.26
CA GLY A 339 -25.66 -7.40 -8.70
C GLY A 339 -26.90 -8.26 -8.53
N LEU A 340 -26.88 -9.51 -9.03
CA LEU A 340 -28.05 -10.35 -8.85
C LEU A 340 -28.33 -10.61 -7.37
N ALA A 341 -27.27 -10.86 -6.57
CA ALA A 341 -27.47 -11.09 -5.14
C ALA A 341 -28.05 -9.87 -4.47
N HIS A 342 -27.74 -8.67 -4.99
CA HIS A 342 -28.35 -7.49 -4.39
C HIS A 342 -29.82 -7.40 -4.74
N ARG A 343 -30.16 -7.54 -6.03
CA ARG A 343 -31.58 -7.47 -6.37
C ARG A 343 -32.35 -8.52 -5.61
N ALA A 344 -31.78 -9.72 -5.45
CA ALA A 344 -32.49 -10.76 -4.71
C ALA A 344 -32.76 -10.32 -3.27
N LYS A 345 -31.90 -9.45 -2.73
CA LYS A 345 -32.18 -8.86 -1.43
C LYS A 345 -33.37 -7.90 -1.48
N LEU A 346 -33.41 -7.00 -2.47
CA LEU A 346 -34.48 -6.01 -2.55
C LEU A 346 -35.85 -6.66 -2.72
N ASP A 347 -36.01 -7.39 -3.81
CA ASP A 347 -37.20 -8.16 -4.13
C ASP A 347 -37.46 -9.33 -3.18
N ASN A 348 -36.61 -9.57 -2.18
CA ASN A 348 -36.80 -10.73 -1.28
C ASN A 348 -36.94 -12.01 -2.09
N ASN A 349 -36.19 -12.07 -3.18
CA ASN A 349 -36.17 -13.19 -4.10
C ASN A 349 -35.34 -14.31 -3.48
N LYS A 350 -36.01 -15.30 -2.91
CA LYS A 350 -35.26 -16.34 -2.22
C LYS A 350 -34.55 -17.27 -3.21
N GLU A 351 -35.03 -17.32 -4.46
CA GLU A 351 -34.48 -18.27 -5.43
C GLU A 351 -33.39 -17.63 -6.29
N LEU A 352 -33.39 -16.30 -6.44
CA LEU A 352 -32.27 -15.66 -7.12
C LEU A 352 -31.09 -15.55 -6.18
N ALA A 353 -31.40 -15.22 -4.90
CA ALA A 353 -30.44 -15.36 -3.81
C ALA A 353 -29.58 -16.59 -3.98
N PHE A 354 -30.21 -17.78 -3.99
CA PHE A 354 -29.42 -19.00 -4.06
C PHE A 354 -28.68 -19.11 -5.39
N PHE A 355 -29.31 -18.72 -6.49
CA PHE A 355 -28.59 -18.78 -7.77
C PHE A 355 -27.31 -17.99 -7.73
N ALA A 356 -27.35 -16.75 -7.23
CA ALA A 356 -26.16 -15.91 -7.19
C ALA A 356 -25.05 -16.57 -6.40
N ASN A 357 -25.35 -16.97 -5.16
CA ASN A 357 -24.34 -17.61 -4.34
C ASN A 357 -23.85 -18.90 -4.98
N ALA A 358 -24.73 -19.64 -5.63
CA ALA A 358 -24.27 -20.87 -6.29
C ALA A 358 -23.28 -20.54 -7.37
N LEU A 359 -23.56 -19.48 -8.13
CA LEU A 359 -22.70 -19.10 -9.22
C LEU A 359 -21.32 -18.73 -8.71
N GLU A 360 -21.28 -17.99 -7.61
CA GLU A 360 -20.04 -17.67 -6.94
C GLU A 360 -19.31 -18.94 -6.48
N GLU A 361 -20.04 -19.99 -6.09
CA GLU A 361 -19.34 -21.14 -5.55
C GLU A 361 -18.75 -22.02 -6.66
N VAL A 362 -19.33 -22.03 -7.86
CA VAL A 362 -18.70 -22.84 -8.93
C VAL A 362 -17.43 -22.19 -9.44
N SER A 363 -17.48 -20.88 -9.68
CA SER A 363 -16.26 -20.18 -10.08
C SER A 363 -15.10 -20.57 -9.15
N ILE A 364 -15.22 -20.26 -7.86
CA ILE A 364 -14.18 -20.59 -6.89
C ILE A 364 -13.88 -22.08 -6.88
N GLU A 365 -14.90 -22.94 -6.96
CA GLU A 365 -14.67 -24.37 -6.86
C GLU A 365 -14.17 -24.99 -8.15
N THR A 366 -14.46 -24.37 -9.29
CA THR A 366 -13.90 -24.88 -10.53
C THR A 366 -12.41 -24.57 -10.61
N ILE A 367 -12.00 -23.47 -9.98
CA ILE A 367 -10.58 -23.20 -9.91
C ILE A 367 -9.93 -24.16 -8.93
N GLU A 368 -10.51 -24.33 -7.74
CA GLU A 368 -9.91 -25.25 -6.78
C GLU A 368 -9.70 -26.65 -7.34
N ALA A 369 -10.39 -27.04 -8.40
CA ALA A 369 -10.17 -28.37 -8.95
C ALA A 369 -9.10 -28.39 -10.04
N GLY A 370 -8.34 -27.30 -10.20
CA GLY A 370 -7.27 -27.25 -11.19
C GLY A 370 -7.64 -26.72 -12.56
N PHE A 371 -8.89 -26.29 -12.76
CA PHE A 371 -9.40 -25.74 -14.02
C PHE A 371 -9.36 -24.23 -13.97
N MET A 372 -8.41 -23.63 -14.68
CA MET A 372 -8.16 -22.19 -14.58
C MET A 372 -7.54 -21.70 -15.87
N THR A 373 -7.44 -20.38 -15.98
CA THR A 373 -6.81 -19.81 -17.14
C THR A 373 -5.32 -19.61 -16.87
N LYS A 374 -4.62 -19.08 -17.88
CA LYS A 374 -3.16 -18.94 -17.83
C LYS A 374 -2.74 -18.08 -16.63
N ASP A 375 -3.33 -16.89 -16.49
CA ASP A 375 -2.91 -16.00 -15.41
C ASP A 375 -2.91 -16.71 -14.06
N LEU A 376 -4.01 -17.38 -13.72
CA LEU A 376 -4.03 -18.16 -12.48
C LEU A 376 -2.97 -19.26 -12.47
N ALA A 377 -2.77 -19.94 -13.61
CA ALA A 377 -1.74 -20.96 -13.67
C ALA A 377 -0.35 -20.38 -13.42
N ALA A 378 -0.09 -19.16 -13.92
CA ALA A 378 1.20 -18.53 -13.66
C ALA A 378 1.37 -18.16 -12.20
N CYS A 379 0.27 -18.03 -11.45
CA CYS A 379 0.42 -17.73 -10.02
C CYS A 379 0.93 -18.94 -9.27
N ILE A 380 0.62 -20.14 -9.75
CA ILE A 380 1.04 -21.33 -9.03
C ILE A 380 2.40 -21.79 -9.54
N LYS A 381 2.47 -22.14 -10.82
CA LYS A 381 3.67 -22.73 -11.38
C LYS A 381 4.67 -21.70 -11.95
N GLY A 382 4.50 -20.41 -11.67
CA GLY A 382 5.44 -19.43 -12.14
C GLY A 382 5.35 -19.23 -13.64
N LEU A 383 5.46 -17.98 -14.10
CA LEU A 383 5.25 -17.74 -15.52
C LEU A 383 6.21 -18.50 -16.43
N PRO A 384 7.50 -18.71 -16.10
CA PRO A 384 8.40 -19.37 -17.07
C PRO A 384 8.26 -20.89 -17.13
N ASN A 385 7.37 -21.46 -16.33
CA ASN A 385 7.20 -22.91 -16.24
C ASN A 385 5.73 -23.29 -16.47
N VAL A 386 4.93 -22.36 -17.02
CA VAL A 386 3.53 -22.65 -17.30
C VAL A 386 3.46 -23.39 -18.61
N GLN A 387 2.65 -24.42 -18.64
CA GLN A 387 2.58 -25.29 -19.79
C GLN A 387 1.18 -25.29 -20.35
N ARG A 388 1.10 -25.55 -21.64
CA ARG A 388 -0.22 -25.57 -22.25
C ARG A 388 -1.19 -26.40 -21.42
N SER A 389 -0.77 -27.58 -20.95
CA SER A 389 -1.71 -28.46 -20.26
C SER A 389 -2.12 -27.94 -18.89
N ASP A 390 -1.45 -26.92 -18.35
CA ASP A 390 -1.76 -26.43 -17.02
C ASP A 390 -2.92 -25.43 -16.99
N TYR A 391 -3.52 -25.09 -18.13
CA TYR A 391 -4.55 -24.05 -18.18
C TYR A 391 -5.47 -24.26 -19.38
N LEU A 392 -6.60 -23.54 -19.38
CA LEU A 392 -7.58 -23.58 -20.46
C LEU A 392 -7.60 -22.23 -21.18
N ASN A 393 -8.10 -22.23 -22.44
CA ASN A 393 -8.28 -20.99 -23.18
C ASN A 393 -9.30 -20.13 -22.49
N THR A 394 -9.99 -19.34 -23.30
CA THR A 394 -11.05 -18.55 -22.73
C THR A 394 -12.39 -19.26 -22.87
N PHE A 395 -12.63 -19.91 -24.02
CA PHE A 395 -13.93 -20.57 -24.22
C PHE A 395 -14.12 -21.79 -23.32
N GLU A 396 -13.26 -22.80 -23.47
CA GLU A 396 -13.55 -24.09 -22.84
C GLU A 396 -13.38 -24.02 -21.33
N PHE A 397 -12.89 -22.88 -20.82
CA PHE A 397 -13.05 -22.59 -19.40
C PHE A 397 -14.48 -22.16 -19.07
N MET A 398 -15.08 -21.28 -19.92
CA MET A 398 -16.51 -21.02 -19.74
C MET A 398 -17.33 -22.29 -19.94
N ASP A 399 -16.99 -23.10 -20.94
CA ASP A 399 -17.69 -24.36 -21.14
C ASP A 399 -17.62 -25.23 -19.87
N LYS A 400 -16.46 -25.25 -19.20
CA LYS A 400 -16.31 -26.00 -17.95
C LYS A 400 -17.09 -25.35 -16.82
N LEU A 401 -17.05 -24.02 -16.72
CA LEU A 401 -17.92 -23.35 -15.77
C LEU A 401 -19.37 -23.67 -16.05
N GLY A 402 -19.76 -23.60 -17.33
CA GLY A 402 -21.15 -23.85 -17.67
C GLY A 402 -21.62 -25.20 -17.17
N GLU A 403 -20.96 -26.27 -17.61
CA GLU A 403 -21.40 -27.60 -17.22
C GLU A 403 -21.24 -27.84 -15.71
N ASN A 404 -20.28 -27.20 -15.07
CA ASN A 404 -20.24 -27.36 -13.63
C ASN A 404 -21.41 -26.68 -12.96
N LEU A 405 -21.88 -25.59 -13.54
CA LEU A 405 -23.02 -24.91 -12.96
C LEU A 405 -24.30 -25.72 -13.20
N LYS A 406 -24.44 -26.32 -14.38
CA LYS A 406 -25.58 -27.20 -14.61
C LYS A 406 -25.51 -28.40 -13.68
N ILE A 407 -24.32 -28.96 -13.50
CA ILE A 407 -24.16 -30.10 -12.60
C ILE A 407 -24.56 -29.72 -11.17
N LYS A 408 -24.21 -28.50 -10.73
CA LYS A 408 -24.45 -28.15 -9.34
C LYS A 408 -25.91 -27.77 -9.08
N LEU A 409 -26.55 -27.03 -10.00
CA LEU A 409 -27.96 -26.69 -9.82
C LEU A 409 -28.84 -27.93 -9.84
N ALA A 410 -28.43 -28.97 -10.58
CA ALA A 410 -29.23 -30.19 -10.57
C ALA A 410 -29.15 -30.86 -9.22
N GLN A 411 -27.94 -30.88 -8.66
CA GLN A 411 -27.75 -31.37 -7.30
C GLN A 411 -28.65 -30.66 -6.29
N ALA A 412 -28.79 -29.34 -6.37
CA ALA A 412 -29.37 -28.61 -5.24
C ALA A 412 -30.89 -28.54 -5.31
N LYS A 413 -31.45 -29.50 -6.05
CA LYS A 413 -32.88 -29.60 -6.29
C LYS A 413 -33.66 -30.10 -5.09
N LEU A 414 -32.99 -30.60 -4.05
CA LEU A 414 -33.64 -31.06 -2.82
C LEU A 414 -33.58 -29.95 -1.76
N MET B 1 42.00 -12.97 19.86
CA MET B 1 42.20 -12.20 18.64
C MET B 1 43.38 -11.28 18.82
N SER B 2 44.45 -11.56 18.08
CA SER B 2 45.65 -10.72 18.09
C SER B 2 45.38 -9.46 17.28
N LYS B 3 45.18 -8.35 18.00
CA LYS B 3 44.94 -7.05 17.37
C LYS B 3 43.77 -7.15 16.37
N LYS B 4 42.57 -7.40 16.90
CA LYS B 4 41.35 -7.33 16.10
C LYS B 4 41.20 -5.97 15.44
N ILE B 5 40.41 -5.93 14.37
CA ILE B 5 40.37 -4.73 13.52
C ILE B 5 39.80 -3.54 14.28
N SER B 6 40.39 -2.35 14.07
CA SER B 6 40.04 -1.13 14.79
C SER B 6 38.95 -0.32 14.11
N GLY B 7 37.70 -0.67 14.37
CA GLY B 7 36.59 0.08 13.81
C GLY B 7 36.42 1.42 14.49
N GLY B 8 35.98 2.38 13.71
CA GLY B 8 35.99 3.76 14.14
C GLY B 8 35.19 4.16 15.37
N SER B 9 34.71 5.40 15.36
CA SER B 9 33.74 5.92 16.32
C SER B 9 32.34 5.66 15.77
N VAL B 10 31.45 5.11 16.60
CA VAL B 10 30.12 4.70 16.18
C VAL B 10 29.17 4.85 17.39
N VAL B 11 27.92 5.23 17.13
CA VAL B 11 26.89 5.36 18.17
C VAL B 11 26.00 4.13 18.18
N GLU B 12 25.87 3.52 19.35
CA GLU B 12 25.01 2.35 19.52
C GLU B 12 23.82 2.73 20.39
N MET B 13 22.67 2.16 20.10
CA MET B 13 21.43 2.46 20.78
C MET B 13 20.76 1.17 21.21
N GLN B 14 20.58 1.01 22.49
CA GLN B 14 20.00 -0.23 22.97
C GLN B 14 18.47 -0.11 23.03
N GLY B 15 17.80 -1.22 22.72
CA GLY B 15 16.34 -1.26 22.61
C GLY B 15 15.55 -1.86 23.75
N ASP B 16 14.36 -2.36 23.41
CA ASP B 16 13.41 -2.90 24.37
C ASP B 16 13.13 -4.36 24.04
N GLU B 17 12.75 -5.13 25.06
CA GLU B 17 12.21 -6.47 24.85
C GLU B 17 13.14 -7.30 23.94
N MET B 18 12.66 -8.42 23.40
CA MET B 18 13.47 -9.49 22.82
C MET B 18 14.54 -9.01 21.83
N THR B 19 14.29 -7.91 21.11
CA THR B 19 15.36 -7.30 20.33
C THR B 19 16.50 -6.79 21.18
N ARG B 20 16.23 -6.37 22.42
CA ARG B 20 17.33 -6.00 23.31
C ARG B 20 18.20 -7.22 23.61
N ILE B 21 17.59 -8.40 23.75
CA ILE B 21 18.36 -9.62 23.97
C ILE B 21 19.25 -9.96 22.78
N ILE B 22 18.70 -9.89 21.56
CA ILE B 22 19.45 -10.12 20.32
C ILE B 22 20.60 -9.15 20.16
N TRP B 23 20.40 -7.90 20.54
CA TRP B 23 21.46 -6.90 20.45
C TRP B 23 22.69 -7.35 21.25
N GLU B 24 22.48 -7.82 22.50
CA GLU B 24 23.62 -8.29 23.28
C GLU B 24 24.25 -9.50 22.63
N LEU B 25 23.44 -10.47 22.18
CA LEU B 25 24.00 -11.61 21.49
C LEU B 25 24.82 -11.19 20.27
N ILE B 26 24.35 -10.19 19.52
CA ILE B 26 25.08 -9.72 18.35
C ILE B 26 26.45 -9.15 18.75
N LYS B 27 26.45 -8.26 19.74
CA LYS B 27 27.73 -7.71 20.16
C LYS B 27 28.63 -8.81 20.73
N GLU B 28 28.08 -9.66 21.59
CA GLU B 28 28.90 -10.63 22.29
C GLU B 28 29.48 -11.66 21.34
N LYS B 29 28.66 -12.17 20.41
CA LYS B 29 29.10 -13.27 19.55
C LYS B 29 29.66 -12.80 18.21
N LEU B 30 29.16 -11.70 17.66
CA LEU B 30 29.48 -11.38 16.29
C LEU B 30 30.32 -10.13 16.12
N ILE B 31 30.09 -9.10 16.92
CA ILE B 31 30.73 -7.82 16.69
C ILE B 31 31.98 -7.65 17.51
N PHE B 32 31.81 -7.54 18.83
CA PHE B 32 32.94 -7.25 19.71
C PHE B 32 34.12 -8.19 19.52
N PRO B 33 33.95 -9.52 19.49
CA PRO B 33 35.14 -10.39 19.30
C PRO B 33 36.04 -10.01 18.13
N TYR B 34 35.51 -9.39 17.08
CA TYR B 34 36.33 -9.14 15.91
C TYR B 34 36.58 -7.65 15.64
N VAL B 35 35.99 -6.73 16.42
CA VAL B 35 36.15 -5.30 16.20
C VAL B 35 36.21 -4.59 17.56
N GLU B 36 36.93 -3.45 17.60
CA GLU B 36 36.99 -2.57 18.77
C GLU B 36 36.52 -1.19 18.35
N LEU B 37 35.56 -0.63 19.08
CA LEU B 37 34.96 0.63 18.66
C LEU B 37 35.06 1.65 19.77
N ASP B 38 35.25 2.91 19.39
CA ASP B 38 35.08 4.00 20.35
C ASP B 38 33.57 4.14 20.52
N LEU B 39 33.00 3.36 21.42
CA LEU B 39 31.55 3.11 21.41
C LEU B 39 30.81 4.14 22.26
N HIS B 40 30.06 5.04 21.62
CA HIS B 40 29.14 5.91 22.34
C HIS B 40 27.84 5.17 22.41
N SER B 41 27.63 4.47 23.51
CA SER B 41 26.49 3.59 23.72
C SER B 41 25.46 4.36 24.54
N TYR B 42 24.20 4.40 24.08
CA TYR B 42 23.08 5.00 24.81
C TYR B 42 21.99 3.97 25.05
N ASP B 43 21.36 4.03 26.22
CA ASP B 43 20.35 3.04 26.59
C ASP B 43 18.98 3.66 26.33
N LEU B 44 18.40 3.33 25.18
CA LEU B 44 17.09 3.84 24.84
C LEU B 44 15.96 2.94 25.30
N GLY B 45 16.24 1.96 26.15
CA GLY B 45 15.18 1.15 26.71
C GLY B 45 14.11 2.01 27.35
N ILE B 46 12.87 1.48 27.40
CA ILE B 46 11.73 2.30 27.86
C ILE B 46 11.99 2.84 29.26
N GLU B 47 12.41 1.97 30.20
CA GLU B 47 12.53 2.51 31.54
C GLU B 47 13.69 3.50 31.66
N ASN B 48 14.62 3.52 30.71
CA ASN B 48 15.65 4.56 30.79
C ASN B 48 15.15 5.89 30.22
N ARG B 49 14.29 5.86 29.21
CA ARG B 49 13.75 7.10 28.70
C ARG B 49 12.75 7.71 29.68
N ASP B 50 12.13 6.88 30.50
CA ASP B 50 11.27 7.39 31.54
C ASP B 50 12.06 8.03 32.67
N ALA B 51 13.22 7.46 33.02
CA ALA B 51 14.04 8.02 34.09
C ALA B 51 14.75 9.29 33.67
N THR B 52 15.21 9.35 32.44
CA THR B 52 15.83 10.57 31.91
C THR B 52 14.84 11.58 31.36
N ASN B 53 13.53 11.30 31.40
CA ASN B 53 12.56 12.19 30.79
C ASN B 53 12.92 12.43 29.33
N ASP B 54 13.14 11.33 28.63
CA ASP B 54 13.43 11.24 27.20
C ASP B 54 14.69 12.00 26.81
N GLN B 55 15.52 12.40 27.77
CA GLN B 55 16.73 13.14 27.43
C GLN B 55 17.77 12.23 26.80
N VAL B 56 17.79 10.92 27.15
CA VAL B 56 18.69 9.95 26.51
C VAL B 56 18.50 9.90 25.01
N THR B 57 17.29 10.15 24.54
CA THR B 57 17.08 10.03 23.11
C THR B 57 17.60 11.26 22.40
N LYS B 58 17.29 12.45 22.92
CA LYS B 58 17.87 13.66 22.37
C LYS B 58 19.40 13.56 22.39
N ASP B 59 19.96 13.05 23.50
CA ASP B 59 21.40 12.86 23.51
C ASP B 59 21.85 11.89 22.44
N ALA B 60 21.19 10.75 22.27
CA ALA B 60 21.70 9.88 21.23
C ALA B 60 21.58 10.53 19.86
N ALA B 61 20.56 11.39 19.62
CA ALA B 61 20.44 12.04 18.32
C ALA B 61 21.63 12.95 18.06
N GLU B 62 21.99 13.78 19.07
CA GLU B 62 23.16 14.65 18.95
C GLU B 62 24.41 13.85 18.65
N ALA B 63 24.51 12.65 19.21
CA ALA B 63 25.73 11.89 18.99
C ALA B 63 25.84 11.45 17.53
N ILE B 64 24.75 10.95 16.94
CA ILE B 64 24.80 10.61 15.53
C ILE B 64 25.09 11.85 14.68
N LYS B 65 24.51 12.98 15.04
CA LYS B 65 24.81 14.23 14.37
C LYS B 65 26.29 14.59 14.50
N LYS B 66 26.93 14.21 15.62
CA LYS B 66 28.35 14.52 15.78
C LYS B 66 29.26 13.44 15.21
N HIS B 67 28.95 12.15 15.42
CA HIS B 67 29.92 11.10 15.08
C HIS B 67 29.61 10.33 13.79
N ASN B 68 28.49 10.62 13.14
CA ASN B 68 28.12 10.23 11.80
C ASN B 68 27.62 8.79 11.65
N VAL B 69 27.75 7.91 12.63
CA VAL B 69 27.13 6.60 12.45
C VAL B 69 26.41 6.23 13.73
N GLY B 70 25.18 5.79 13.57
CA GLY B 70 24.39 5.31 14.68
C GLY B 70 23.72 4.02 14.27
N VAL B 71 23.68 3.08 15.20
CA VAL B 71 23.06 1.79 14.94
C VAL B 71 22.06 1.49 16.04
N LYS B 72 20.80 1.47 15.69
CA LYS B 72 19.73 1.49 16.66
C LYS B 72 19.13 0.10 16.83
N CYS B 73 18.52 -0.13 17.98
CA CYS B 73 17.83 -1.35 18.31
C CYS B 73 16.34 -1.02 18.48
N ALA B 74 15.48 -1.98 18.11
CA ALA B 74 14.05 -1.68 18.12
C ALA B 74 13.60 -1.26 19.51
N THR B 75 12.86 -0.15 19.57
CA THR B 75 12.41 0.45 20.82
C THR B 75 10.90 0.57 20.87
N ILE B 76 10.37 0.47 22.09
CA ILE B 76 8.94 0.52 22.35
C ILE B 76 8.46 1.96 22.22
N THR B 77 7.48 2.20 21.37
CA THR B 77 6.78 3.45 21.47
C THR B 77 5.52 3.28 22.29
N PRO B 78 5.41 3.98 23.42
CA PRO B 78 4.33 3.70 24.38
C PRO B 78 2.93 4.14 23.93
N ASP B 79 1.92 3.39 24.40
CA ASP B 79 0.51 3.76 24.30
C ASP B 79 -0.11 3.66 25.69
N GLU B 80 -1.45 3.59 25.74
CA GLU B 80 -2.17 3.60 27.01
C GLU B 80 -1.86 2.38 27.86
N LYS B 81 -1.60 1.22 27.23
CA LYS B 81 -1.31 0.00 27.98
C LYS B 81 0.15 -0.03 28.40
N ARG B 82 1.04 0.53 27.58
CA ARG B 82 2.45 0.61 27.95
C ARG B 82 2.70 1.60 29.09
N VAL B 83 1.96 2.71 29.15
CA VAL B 83 2.13 3.58 30.31
C VAL B 83 1.51 2.93 31.53
N GLU B 84 0.64 1.96 31.32
CA GLU B 84 0.14 1.27 32.50
C GLU B 84 1.03 0.09 32.81
N GLU B 85 1.72 -0.45 31.79
CA GLU B 85 2.59 -1.59 32.05
C GLU B 85 3.71 -1.16 32.99
N PHE B 86 4.65 -0.35 32.47
CA PHE B 86 5.79 0.17 33.22
C PHE B 86 5.45 1.37 34.07
N LYS B 87 4.21 1.83 34.07
CA LYS B 87 3.77 2.91 34.94
C LYS B 87 4.52 4.19 34.58
N LEU B 88 4.53 4.50 33.29
CA LEU B 88 5.26 5.65 32.80
C LEU B 88 4.60 6.94 33.28
N LYS B 89 5.34 8.02 33.21
CA LYS B 89 4.81 9.31 33.68
C LYS B 89 4.42 10.21 32.54
N GLN B 90 4.39 9.67 31.33
CA GLN B 90 4.05 10.44 30.15
C GLN B 90 4.13 9.46 28.99
N MET B 91 3.27 9.67 28.03
CA MET B 91 3.31 8.83 26.85
C MET B 91 4.37 9.46 25.95
N TRP B 92 5.63 9.03 26.13
CA TRP B 92 6.77 9.59 25.42
C TRP B 92 6.65 9.39 23.91
N LYS B 93 7.25 10.31 23.14
CA LYS B 93 7.21 10.29 21.68
C LYS B 93 8.17 9.27 21.12
N SER B 94 7.87 8.77 19.93
CA SER B 94 8.72 7.73 19.37
C SER B 94 10.16 8.20 19.25
N PRO B 95 11.10 7.43 19.81
CA PRO B 95 12.52 7.73 19.60
C PRO B 95 12.91 7.85 18.15
N ASN B 96 12.37 6.98 17.28
CA ASN B 96 12.58 7.14 15.85
C ASN B 96 12.14 8.50 15.36
N GLY B 97 10.93 8.91 15.75
CA GLY B 97 10.50 10.26 15.41
C GLY B 97 11.49 11.30 15.89
N THR B 98 11.87 11.20 17.17
CA THR B 98 12.63 12.25 17.84
C THR B 98 14.00 12.43 17.22
N ILE B 99 14.61 11.30 16.83
CA ILE B 99 15.91 11.28 16.20
C ILE B 99 15.83 11.69 14.74
N ARG B 100 14.81 11.19 14.01
CA ARG B 100 14.64 11.59 12.62
C ARG B 100 14.44 13.10 12.53
N ASN B 101 13.72 13.64 13.49
CA ASN B 101 13.45 15.06 13.49
C ASN B 101 14.71 15.87 13.77
N ILE B 102 15.67 15.30 14.48
CA ILE B 102 16.91 16.03 14.70
C ILE B 102 17.83 15.88 13.50
N LEU B 103 18.23 14.65 13.20
CA LEU B 103 19.14 14.40 12.09
C LEU B 103 18.55 14.86 10.75
N GLY B 104 17.27 14.63 10.53
CA GLY B 104 16.71 14.81 9.20
C GLY B 104 17.37 13.90 8.19
N GLY B 105 16.92 14.01 6.96
CA GLY B 105 17.32 13.12 5.90
C GLY B 105 16.11 12.39 5.36
N THR B 106 16.37 11.22 4.76
CA THR B 106 15.35 10.43 4.10
C THR B 106 15.59 8.97 4.47
N VAL B 107 14.56 8.15 4.50
CA VAL B 107 14.70 6.78 5.01
C VAL B 107 14.55 5.81 3.85
N PHE B 108 15.50 4.89 3.74
CA PHE B 108 15.52 3.84 2.72
C PHE B 108 15.31 2.49 3.35
N ARG B 109 14.48 1.66 2.76
CA ARG B 109 14.21 0.35 3.32
C ARG B 109 14.70 -0.73 2.35
N GLU B 110 15.63 -1.56 2.79
CA GLU B 110 16.14 -2.62 1.94
C GLU B 110 15.73 -3.98 2.45
N ALA B 111 15.24 -4.80 1.53
CA ALA B 111 14.81 -6.16 1.82
C ALA B 111 16.00 -7.09 1.68
N ILE B 112 16.24 -7.89 2.69
CA ILE B 112 17.34 -8.83 2.64
C ILE B 112 16.90 -10.04 1.86
N ILE B 113 17.68 -10.39 0.84
CA ILE B 113 17.32 -11.41 -0.13
C ILE B 113 18.13 -12.66 0.21
N CYS B 114 17.43 -13.78 0.47
CA CYS B 114 18.05 -15.11 0.48
C CYS B 114 17.43 -16.01 -0.57
N LYS B 115 18.27 -16.90 -1.13
CA LYS B 115 17.89 -17.67 -2.31
C LYS B 115 16.82 -18.71 -1.99
N ASN B 116 16.96 -19.42 -0.86
CA ASN B 116 16.02 -20.46 -0.47
C ASN B 116 14.81 -19.91 0.29
N ILE B 117 14.64 -18.59 0.33
CA ILE B 117 13.54 -17.94 1.02
C ILE B 117 12.52 -17.50 -0.03
N PRO B 118 11.26 -17.94 0.05
CA PRO B 118 10.28 -17.43 -0.90
C PRO B 118 10.08 -15.95 -0.68
N ARG B 119 10.71 -15.15 -1.53
CA ARG B 119 10.56 -13.70 -1.50
C ARG B 119 9.63 -13.31 -2.64
N LEU B 120 8.43 -12.88 -2.28
CA LEU B 120 7.36 -12.55 -3.24
C LEU B 120 7.22 -13.74 -4.20
N VAL B 121 7.54 -13.59 -5.49
CA VAL B 121 7.36 -14.66 -6.47
C VAL B 121 8.62 -14.79 -7.33
N SER B 122 9.69 -15.36 -6.77
CA SER B 122 10.95 -15.67 -7.49
C SER B 122 11.42 -14.38 -8.16
N GLY B 123 12.06 -14.46 -9.33
CA GLY B 123 12.35 -13.29 -10.14
C GLY B 123 13.49 -12.44 -9.64
N TRP B 124 13.19 -11.61 -8.64
CA TRP B 124 14.16 -10.70 -8.05
C TRP B 124 15.45 -11.43 -7.65
N VAL B 125 16.60 -10.96 -8.15
CA VAL B 125 17.89 -11.56 -7.82
C VAL B 125 18.68 -10.67 -6.87
N LYS B 126 18.28 -9.41 -6.74
CA LYS B 126 18.91 -8.41 -5.89
C LYS B 126 17.84 -7.58 -5.22
N PRO B 127 18.13 -7.01 -4.05
CA PRO B 127 17.11 -6.22 -3.37
C PRO B 127 16.67 -4.99 -4.15
N ILE B 128 16.06 -4.08 -3.41
CA ILE B 128 15.46 -2.88 -3.98
C ILE B 128 15.33 -1.91 -2.82
N ILE B 129 15.90 -0.71 -2.99
CA ILE B 129 15.94 0.32 -1.95
C ILE B 129 14.84 1.35 -2.22
N ILE B 130 13.81 1.35 -1.37
CA ILE B 130 12.63 2.19 -1.53
C ILE B 130 12.70 3.38 -0.59
N GLY B 131 12.77 4.58 -1.14
CA GLY B 131 12.89 5.79 -0.35
C GLY B 131 11.69 6.70 -0.55
N HIS B 132 11.27 7.36 0.54
CA HIS B 132 10.11 8.24 0.56
C HIS B 132 10.57 9.65 0.93
N HIS B 133 9.61 10.54 1.21
CA HIS B 133 9.88 11.95 1.51
C HIS B 133 10.82 12.12 2.73
N ALA B 134 11.18 13.38 3.02
CA ALA B 134 12.23 13.67 4.00
C ALA B 134 11.68 13.87 5.43
N TYR B 135 10.92 14.97 5.64
CA TYR B 135 10.41 15.36 6.97
C TYR B 135 8.94 14.97 7.11
N GLY B 136 8.63 13.71 6.84
CA GLY B 136 7.24 13.26 6.90
C GLY B 136 6.39 14.05 5.94
N ASP B 137 5.46 14.83 6.49
CA ASP B 137 4.73 15.82 5.69
C ASP B 137 3.91 16.72 6.58
N GLN B 138 4.16 16.69 7.88
CA GLN B 138 3.37 17.51 8.79
C GLN B 138 4.01 18.90 8.96
N TYR B 139 4.51 19.17 10.16
CA TYR B 139 5.05 20.46 10.57
C TYR B 139 4.02 21.56 10.36
N ARG B 140 3.94 22.11 9.15
CA ARG B 140 3.07 23.26 8.86
C ARG B 140 1.92 22.90 7.90
N ALA B 141 1.56 21.60 7.80
CA ALA B 141 0.39 21.24 7.01
C ALA B 141 -0.88 21.62 7.77
N THR B 142 -1.42 22.79 7.44
CA THR B 142 -2.47 23.44 8.22
C THR B 142 -3.84 22.89 7.82
N ASP B 143 -4.55 22.29 8.78
CA ASP B 143 -5.91 21.80 8.56
C ASP B 143 -6.81 22.47 9.57
N PHE B 144 -8.13 22.31 9.39
CA PHE B 144 -9.13 22.96 10.24
C PHE B 144 -10.51 22.52 9.79
N VAL B 145 -11.54 23.02 10.47
CA VAL B 145 -12.92 22.61 10.21
C VAL B 145 -13.67 23.79 9.63
N VAL B 146 -14.67 23.50 8.80
CA VAL B 146 -15.45 24.52 8.13
C VAL B 146 -16.83 24.56 8.82
N PRO B 147 -17.12 25.60 9.61
CA PRO B 147 -18.33 25.54 10.45
C PRO B 147 -19.62 25.49 9.64
N GLY B 148 -19.67 26.13 8.46
CA GLY B 148 -20.88 26.28 7.68
C GLY B 148 -20.60 26.66 6.24
N PRO B 149 -21.62 27.12 5.50
CA PRO B 149 -21.41 27.44 4.08
C PRO B 149 -20.44 28.60 3.91
N GLY B 150 -19.70 28.58 2.81
CA GLY B 150 -18.74 29.61 2.51
C GLY B 150 -17.70 29.06 1.55
N LYS B 151 -16.80 29.94 1.13
CA LYS B 151 -15.76 29.64 0.15
C LYS B 151 -14.41 29.41 0.82
N VAL B 152 -13.88 28.21 0.69
CA VAL B 152 -12.51 27.92 1.08
C VAL B 152 -11.63 28.05 -0.15
N GLU B 153 -10.50 28.77 -0.01
CA GLU B 153 -9.68 29.11 -1.16
C GLU B 153 -8.26 29.51 -0.75
N ILE B 154 -7.29 29.15 -1.62
CA ILE B 154 -5.87 29.34 -1.38
C ILE B 154 -5.34 30.48 -2.25
N THR B 155 -4.63 31.43 -1.63
CA THR B 155 -4.14 32.63 -2.30
C THR B 155 -2.62 32.69 -2.18
N TYR B 156 -1.92 32.74 -3.30
CA TYR B 156 -0.47 32.90 -3.34
C TYR B 156 -0.06 34.32 -3.67
N THR B 157 0.42 35.06 -2.67
CA THR B 157 0.84 36.42 -2.99
C THR B 157 2.36 36.49 -2.90
N PRO B 158 3.10 36.60 -4.01
CA PRO B 158 4.57 36.69 -3.93
C PRO B 158 5.06 37.86 -3.08
N SER B 159 6.29 37.69 -2.56
CA SER B 159 7.00 38.80 -1.92
C SER B 159 7.29 39.90 -2.92
N ASP B 160 7.15 39.59 -4.21
CA ASP B 160 7.25 40.57 -5.28
C ASP B 160 6.16 41.63 -5.23
N GLY B 161 5.03 41.34 -4.57
CA GLY B 161 3.85 42.16 -4.67
C GLY B 161 3.27 42.31 -6.07
N THR B 162 3.82 41.61 -7.07
CA THR B 162 3.47 41.90 -8.46
C THR B 162 2.27 41.11 -8.94
N GLN B 163 1.73 40.21 -8.13
CA GLN B 163 0.54 39.48 -8.55
C GLN B 163 -0.08 38.77 -7.37
N LYS B 164 -1.10 37.96 -7.67
CA LYS B 164 -1.89 37.29 -6.65
C LYS B 164 -2.82 36.29 -7.30
N VAL B 165 -2.55 35.03 -7.08
CA VAL B 165 -3.39 33.98 -7.62
C VAL B 165 -4.26 33.46 -6.50
N THR B 166 -5.53 33.22 -6.82
CA THR B 166 -6.49 32.73 -5.86
C THR B 166 -7.12 31.48 -6.44
N TYR B 167 -7.08 30.41 -5.71
CA TYR B 167 -7.60 29.15 -6.17
C TYR B 167 -8.72 28.74 -5.24
N LEU B 168 -9.92 28.62 -5.74
CA LEU B 168 -11.02 28.13 -4.92
C LEU B 168 -10.84 26.63 -4.74
N VAL B 169 -10.70 26.20 -3.49
CA VAL B 169 -10.50 24.77 -3.25
C VAL B 169 -11.84 24.07 -3.15
N HIS B 170 -12.87 24.82 -2.74
CA HIS B 170 -14.23 24.28 -2.69
C HIS B 170 -15.17 25.33 -2.13
N ASN B 171 -16.34 25.41 -2.72
CA ASN B 171 -17.36 26.32 -2.22
C ASN B 171 -18.40 25.46 -1.52
N PHE B 172 -18.62 25.72 -0.23
CA PHE B 172 -19.52 24.93 0.60
C PHE B 172 -20.90 25.51 0.40
N GLU B 173 -21.75 24.74 -0.26
CA GLU B 173 -23.15 25.06 -0.41
C GLU B 173 -23.99 24.44 0.70
N GLU B 174 -23.57 23.26 1.19
CA GLU B 174 -24.34 22.56 2.22
C GLU B 174 -24.02 23.10 3.62
N GLY B 175 -22.74 23.37 3.87
CA GLY B 175 -22.31 23.94 5.14
C GLY B 175 -21.71 22.92 6.06
N GLY B 176 -20.39 22.78 6.04
CA GLY B 176 -19.77 21.88 6.98
C GLY B 176 -18.77 20.97 6.34
N GLY B 177 -17.63 20.76 7.00
CA GLY B 177 -16.58 19.96 6.42
C GLY B 177 -15.23 20.32 7.03
N VAL B 178 -14.18 19.86 6.35
CA VAL B 178 -12.81 20.05 6.77
C VAL B 178 -11.99 20.36 5.52
N ALA B 179 -11.02 21.26 5.66
CA ALA B 179 -10.18 21.67 4.55
C ALA B 179 -8.76 21.76 5.07
N MET B 180 -7.77 21.69 4.17
CA MET B 180 -6.39 21.74 4.64
C MET B 180 -5.50 22.35 3.56
N GLY B 181 -4.25 22.54 3.92
CA GLY B 181 -3.27 23.07 2.98
C GLY B 181 -1.88 22.52 3.22
N MET B 182 -1.27 21.98 2.18
CA MET B 182 0.05 21.38 2.26
C MET B 182 0.99 22.14 1.36
N TYR B 183 2.27 21.84 1.50
CA TYR B 183 3.30 22.54 0.77
C TYR B 183 4.58 21.74 0.90
N ASN B 184 5.59 22.18 0.16
CA ASN B 184 6.91 21.58 0.12
C ASN B 184 7.85 22.63 -0.44
N GLN B 185 8.99 22.80 0.22
CA GLN B 185 10.01 23.71 -0.27
C GLN B 185 10.94 23.00 -1.25
N ASP B 186 11.59 23.81 -2.11
CA ASP B 186 12.54 23.20 -3.03
C ASP B 186 13.70 22.59 -2.28
N LYS B 187 14.20 23.29 -1.25
CA LYS B 187 15.28 22.75 -0.43
C LYS B 187 14.92 21.36 0.09
N SER B 188 13.66 21.14 0.48
CA SER B 188 13.24 19.81 0.92
C SER B 188 13.27 18.78 -0.22
N ILE B 189 12.86 19.18 -1.43
CA ILE B 189 12.91 18.22 -2.54
C ILE B 189 14.30 18.11 -3.12
N GLU B 190 15.11 19.17 -3.02
CA GLU B 190 16.52 19.03 -3.38
C GLU B 190 17.24 18.04 -2.47
N ASP B 191 16.89 18.03 -1.18
CA ASP B 191 17.43 17.03 -0.24
C ASP B 191 17.05 15.63 -0.64
N PHE B 192 15.80 15.43 -0.99
CA PHE B 192 15.42 14.12 -1.47
C PHE B 192 16.34 13.71 -2.61
N ALA B 193 16.74 14.68 -3.45
CA ALA B 193 17.48 14.39 -4.68
C ALA B 193 18.90 13.92 -4.41
N HIS B 194 19.66 14.71 -3.64
CA HIS B 194 20.97 14.31 -3.17
C HIS B 194 20.92 12.97 -2.45
N SER B 195 20.16 12.91 -1.36
CA SER B 195 20.07 11.69 -0.59
C SER B 195 19.83 10.49 -1.49
N SER B 196 19.03 10.64 -2.54
CA SER B 196 18.66 9.50 -3.34
C SER B 196 19.71 9.19 -4.40
N PHE B 197 20.39 10.22 -4.87
CA PHE B 197 21.55 10.01 -5.72
C PHE B 197 22.71 9.45 -4.90
N GLN B 198 22.94 10.05 -3.71
CA GLN B 198 24.03 9.60 -2.84
C GLN B 198 23.89 8.12 -2.51
N MET B 199 22.66 7.66 -2.28
CA MET B 199 22.41 6.24 -2.03
C MET B 199 22.71 5.40 -3.27
N ALA B 200 22.15 5.78 -4.41
CA ALA B 200 22.51 5.11 -5.66
C ALA B 200 24.01 5.22 -5.91
N LEU B 201 24.61 6.35 -5.52
CA LEU B 201 26.04 6.52 -5.71
C LEU B 201 26.80 5.60 -4.75
N SER B 202 26.26 5.36 -3.55
CA SER B 202 26.90 4.49 -2.57
C SER B 202 27.02 3.06 -3.08
N LYS B 203 25.89 2.43 -3.35
CA LYS B 203 25.89 1.16 -4.04
C LYS B 203 26.22 1.41 -5.51
N GLY B 204 25.75 0.54 -6.38
CA GLY B 204 26.03 0.72 -7.78
C GLY B 204 24.75 0.48 -8.53
N TRP B 205 23.65 0.83 -7.93
CA TRP B 205 22.44 0.58 -8.67
C TRP B 205 21.88 1.91 -9.19
N PRO B 206 21.06 1.85 -10.24
CA PRO B 206 20.42 3.07 -10.75
C PRO B 206 19.24 3.52 -9.91
N LEU B 207 18.98 4.82 -10.00
CA LEU B 207 17.92 5.48 -9.26
C LEU B 207 16.71 5.67 -10.16
N TYR B 208 15.52 5.44 -9.60
CA TYR B 208 14.28 5.68 -10.31
C TYR B 208 13.44 6.62 -9.47
N LEU B 209 12.60 7.41 -10.14
CA LEU B 209 11.60 8.23 -9.48
C LEU B 209 10.23 7.90 -10.04
N SER B 210 9.36 7.30 -9.25
CA SER B 210 8.00 7.02 -9.69
C SER B 210 7.10 8.10 -9.14
N THR B 211 6.58 8.93 -10.02
CA THR B 211 5.65 10.00 -9.64
C THR B 211 4.23 9.65 -10.13
N LYS B 212 3.23 10.27 -9.49
CA LYS B 212 1.84 10.19 -9.94
C LYS B 212 1.46 11.54 -10.55
N ASN B 213 1.12 11.54 -11.85
CA ASN B 213 0.72 12.74 -12.57
C ASN B 213 -0.78 12.85 -12.82
N THR B 214 -1.54 11.75 -12.71
CA THR B 214 -2.97 11.82 -12.94
C THR B 214 -3.68 12.48 -11.75
N ILE B 215 -3.16 12.29 -10.55
CA ILE B 215 -3.79 12.85 -9.37
C ILE B 215 -3.34 14.30 -9.24
N LEU B 216 -2.23 14.52 -8.53
CA LEU B 216 -1.66 15.84 -8.30
C LEU B 216 -0.61 16.08 -9.37
N LYS B 217 -1.05 16.56 -10.54
CA LYS B 217 -0.13 16.77 -11.64
C LYS B 217 0.95 17.80 -11.27
N LYS B 218 0.52 19.02 -10.93
CA LYS B 218 1.46 20.10 -10.74
C LYS B 218 2.34 19.88 -9.51
N TYR B 219 1.76 19.30 -8.45
CA TYR B 219 2.51 19.03 -7.22
C TYR B 219 3.67 18.05 -7.49
N ASP B 220 3.38 17.00 -8.26
CA ASP B 220 4.37 15.97 -8.56
C ASP B 220 5.26 16.37 -9.73
N GLY B 221 4.78 17.31 -10.55
CA GLY B 221 5.60 17.78 -11.65
C GLY B 221 6.91 18.37 -11.17
N ARG B 222 6.89 18.98 -9.98
CA ARG B 222 8.09 19.63 -9.47
C ARG B 222 9.14 18.61 -9.07
N PHE B 223 8.74 17.36 -8.84
CA PHE B 223 9.71 16.38 -8.38
C PHE B 223 10.63 15.93 -9.51
N LYS B 224 10.05 15.52 -10.66
CA LYS B 224 10.88 15.23 -11.82
C LYS B 224 11.55 16.50 -12.35
N ASP B 225 11.08 17.66 -11.90
CA ASP B 225 11.73 18.90 -12.31
C ASP B 225 12.70 19.42 -11.25
N ILE B 226 13.07 18.59 -10.27
CA ILE B 226 14.11 19.00 -9.36
C ILE B 226 15.19 17.93 -9.35
N PHE B 227 14.80 16.71 -9.69
CA PHE B 227 15.73 15.61 -9.83
C PHE B 227 16.57 15.78 -11.09
N GLN B 228 15.91 15.93 -12.26
CA GLN B 228 16.64 15.79 -13.51
C GLN B 228 17.70 16.88 -13.69
N GLU B 229 17.48 18.06 -13.12
CA GLU B 229 18.48 19.12 -13.26
C GLU B 229 19.63 18.89 -12.32
N ILE B 230 19.34 18.51 -11.07
CA ILE B 230 20.46 18.12 -10.21
C ILE B 230 21.24 16.92 -10.76
N TYR B 231 20.57 15.90 -11.30
CA TYR B 231 21.29 14.80 -11.92
C TYR B 231 22.21 15.30 -13.03
N ASP B 232 21.70 16.21 -13.88
CA ASP B 232 22.46 16.67 -15.04
C ASP B 232 23.55 17.67 -14.64
N LYS B 233 23.35 18.43 -13.56
CA LYS B 233 24.31 19.46 -13.16
C LYS B 233 25.25 19.04 -12.04
N GLN B 234 25.38 17.73 -11.78
CA GLN B 234 26.14 17.25 -10.63
C GLN B 234 26.36 15.74 -10.56
N TYR B 235 25.44 14.90 -11.05
CA TYR B 235 25.52 13.44 -10.89
C TYR B 235 25.55 12.64 -12.19
N LYS B 236 25.20 13.21 -13.35
CA LYS B 236 25.09 12.39 -14.56
C LYS B 236 26.44 11.86 -15.04
N SER B 237 27.52 12.62 -14.81
CA SER B 237 28.81 12.17 -15.28
C SER B 237 29.35 11.03 -14.40
N GLN B 238 29.02 11.06 -13.11
CA GLN B 238 29.42 9.99 -12.18
C GLN B 238 28.59 8.73 -12.40
N PHE B 239 27.30 8.90 -12.68
CA PHE B 239 26.41 7.81 -13.02
C PHE B 239 26.72 7.25 -14.40
N GLU B 240 27.14 8.12 -15.34
CA GLU B 240 27.53 7.64 -16.67
C GLU B 240 28.89 6.95 -16.60
N ALA B 241 29.65 7.23 -15.53
CA ALA B 241 30.91 6.53 -15.30
C ALA B 241 30.69 5.03 -15.13
N GLN B 242 30.01 4.64 -14.06
CA GLN B 242 29.65 3.25 -13.87
C GLN B 242 28.41 2.91 -14.69
N LYS B 243 27.90 1.68 -14.56
CA LYS B 243 26.70 1.27 -15.29
C LYS B 243 25.44 1.90 -14.75
N ILE B 244 25.54 3.04 -14.06
CA ILE B 244 24.39 3.60 -13.38
C ILE B 244 23.60 4.48 -14.36
N TRP B 245 22.42 4.91 -13.92
CA TRP B 245 21.65 5.92 -14.65
C TRP B 245 20.54 6.47 -13.76
N TYR B 246 19.89 7.55 -14.18
CA TYR B 246 18.71 8.05 -13.51
C TYR B 246 17.60 8.20 -14.53
N GLU B 247 16.55 7.43 -14.39
CA GLU B 247 15.39 7.61 -15.22
C GLU B 247 14.24 8.11 -14.37
N HIS B 248 13.02 7.94 -14.88
CA HIS B 248 11.81 8.46 -14.26
C HIS B 248 10.62 7.81 -14.95
N ARG B 249 10.13 6.71 -14.40
CA ARG B 249 8.94 6.08 -14.96
C ARG B 249 7.73 6.46 -14.10
N LEU B 250 6.66 5.67 -14.15
CA LEU B 250 5.44 6.02 -13.44
C LEU B 250 4.98 4.85 -12.60
N ILE B 251 4.08 5.16 -11.66
CA ILE B 251 3.68 4.22 -10.61
C ILE B 251 3.17 2.92 -11.23
N ASP B 252 2.09 3.02 -12.03
CA ASP B 252 1.47 1.86 -12.67
C ASP B 252 2.39 1.23 -13.73
N ASP B 253 3.38 1.99 -14.21
CA ASP B 253 4.40 1.44 -15.11
C ASP B 253 5.52 0.78 -14.31
N MET B 254 5.91 1.38 -13.18
CA MET B 254 7.03 0.86 -12.41
C MET B 254 6.68 -0.51 -11.81
N VAL B 255 5.49 -0.62 -11.18
CA VAL B 255 5.09 -1.87 -10.52
C VAL B 255 4.93 -3.00 -11.52
N ALA B 256 4.63 -2.66 -12.79
CA ALA B 256 4.60 -3.67 -13.84
C ALA B 256 6.02 -3.96 -14.33
N GLN B 257 6.92 -2.99 -14.20
CA GLN B 257 8.29 -3.20 -14.67
C GLN B 257 9.10 -3.96 -13.63
N ALA B 258 8.88 -3.66 -12.34
CA ALA B 258 9.64 -4.30 -11.26
C ALA B 258 9.31 -5.78 -11.11
N MET B 259 8.14 -6.21 -11.59
CA MET B 259 7.74 -7.61 -11.57
C MET B 259 8.27 -8.33 -12.81
N LYS B 260 9.48 -7.96 -13.25
CA LYS B 260 10.20 -8.67 -14.30
C LYS B 260 11.68 -8.39 -14.18
N SER B 261 12.03 -7.21 -13.65
CA SER B 261 13.43 -6.83 -13.44
C SER B 261 14.08 -7.67 -12.35
N GLU B 262 15.37 -7.91 -12.52
CA GLU B 262 16.08 -8.76 -11.57
C GLU B 262 16.41 -8.06 -10.25
N GLY B 263 15.77 -6.91 -9.94
CA GLY B 263 16.12 -6.11 -8.77
C GLY B 263 17.48 -5.45 -8.90
N GLY B 264 17.77 -4.55 -7.98
CA GLY B 264 19.00 -3.79 -8.03
C GLY B 264 18.87 -2.34 -8.48
N PHE B 265 18.00 -1.55 -7.84
CA PHE B 265 17.80 -0.15 -8.16
C PHE B 265 17.23 0.57 -6.95
N ILE B 266 17.55 1.86 -6.85
CA ILE B 266 17.04 2.73 -5.80
C ILE B 266 15.78 3.39 -6.35
N TRP B 267 14.66 3.18 -5.64
CA TRP B 267 13.33 3.61 -6.05
C TRP B 267 12.83 4.69 -5.12
N ALA B 268 12.60 5.87 -5.65
CA ALA B 268 12.05 6.96 -4.87
C ALA B 268 10.56 7.06 -5.12
N CYS B 269 9.76 6.65 -4.14
CA CYS B 269 8.31 6.86 -4.15
C CYS B 269 7.93 8.17 -3.50
N LYS B 270 6.97 8.85 -4.12
CA LYS B 270 6.33 10.05 -3.58
C LYS B 270 4.85 9.74 -3.29
N ASN B 271 4.61 8.91 -2.27
CA ASN B 271 3.24 8.63 -1.84
C ASN B 271 3.23 8.56 -0.31
N TYR B 272 2.02 8.41 0.24
CA TYR B 272 1.78 8.42 1.69
C TYR B 272 1.10 7.10 2.09
N ASP B 273 1.94 6.08 2.35
CA ASP B 273 1.49 4.79 2.89
C ASP B 273 0.39 4.11 2.07
N ASP B 279 4.99 2.42 0.85
CA ASP B 279 5.27 1.82 2.16
C ASP B 279 5.63 0.33 2.05
N SER B 280 4.64 -0.52 2.32
CA SER B 280 4.85 -1.96 2.39
C SER B 280 4.26 -2.58 1.13
N VAL B 281 4.90 -2.36 -0.03
CA VAL B 281 4.46 -3.02 -1.26
C VAL B 281 4.99 -4.47 -1.19
N ALA B 282 5.98 -4.82 -2.03
CA ALA B 282 6.70 -6.08 -1.83
C ALA B 282 7.81 -5.95 -0.81
N GLN B 283 7.84 -4.81 -0.11
CA GLN B 283 8.95 -4.53 0.78
C GLN B 283 8.64 -5.03 2.19
N GLY B 284 7.60 -4.48 2.82
CA GLY B 284 7.13 -4.96 4.11
C GLY B 284 6.34 -6.25 3.98
N TYR B 285 6.83 -7.15 3.12
CA TYR B 285 6.13 -8.39 2.83
C TYR B 285 6.45 -9.46 3.86
N GLY B 286 5.40 -9.96 4.52
CA GLY B 286 5.53 -11.04 5.48
C GLY B 286 6.52 -10.76 6.61
N SER B 287 7.51 -11.65 6.73
CA SER B 287 8.55 -11.60 7.78
C SER B 287 9.32 -10.30 7.86
N LEU B 288 8.95 -9.45 8.82
CA LEU B 288 9.66 -8.18 8.89
C LEU B 288 11.10 -8.39 9.31
N GLY B 289 11.43 -9.57 9.85
CA GLY B 289 12.76 -9.91 10.32
C GLY B 289 13.85 -9.84 9.27
N MET B 290 13.49 -9.60 8.00
CA MET B 290 14.40 -9.61 6.85
C MET B 290 14.48 -8.27 6.13
N MET B 291 14.25 -7.14 6.81
CA MET B 291 14.29 -5.83 6.17
C MET B 291 15.03 -4.81 7.04
N THR B 292 15.95 -4.06 6.42
CA THR B 292 16.73 -3.02 7.09
C THR B 292 16.06 -1.68 6.83
N SER B 293 16.74 -0.60 7.22
CA SER B 293 16.11 0.70 7.25
C SER B 293 17.20 1.68 7.69
N VAL B 294 17.56 2.62 6.82
CA VAL B 294 18.70 3.48 7.11
C VAL B 294 18.38 4.90 6.71
N LEU B 295 18.40 5.80 7.69
CA LEU B 295 18.21 7.22 7.47
C LEU B 295 19.50 7.81 6.93
N VAL B 296 19.39 8.63 5.90
CA VAL B 296 20.53 9.15 5.16
C VAL B 296 20.52 10.68 5.20
N CYS B 297 21.56 11.26 5.82
CA CYS B 297 21.41 12.71 5.69
C CYS B 297 21.96 13.15 4.35
N PRO B 298 21.40 14.23 3.78
CA PRO B 298 21.83 14.65 2.43
C PRO B 298 23.33 14.85 2.31
N ASP B 299 24.00 15.13 3.43
CA ASP B 299 25.45 15.31 3.43
C ASP B 299 26.13 14.05 2.98
N GLY B 300 25.44 12.93 3.08
CA GLY B 300 26.02 11.65 2.84
C GLY B 300 26.96 11.20 3.94
N LYS B 301 27.28 12.06 4.89
CA LYS B 301 28.13 11.62 5.99
C LYS B 301 27.35 10.78 6.98
N THR B 302 26.45 11.42 7.71
CA THR B 302 25.82 10.79 8.85
C THR B 302 24.63 9.93 8.47
N VAL B 303 24.62 8.70 8.99
CA VAL B 303 23.51 7.77 8.76
C VAL B 303 23.20 7.05 10.06
N GLU B 304 22.07 6.38 10.07
CA GLU B 304 21.60 5.69 11.27
C GLU B 304 20.83 4.45 10.88
N ALA B 305 21.40 3.28 11.10
CA ALA B 305 20.74 2.04 10.70
C ALA B 305 19.88 1.49 11.82
N GLU B 306 18.88 0.70 11.46
CA GLU B 306 17.96 0.11 12.42
C GLU B 306 17.13 -0.95 11.72
N ALA B 307 16.88 -2.03 12.43
CA ALA B 307 16.10 -3.12 11.88
C ALA B 307 14.66 -2.68 11.73
N ALA B 308 14.04 -3.03 10.61
CA ALA B 308 12.81 -2.36 10.21
C ALA B 308 11.57 -2.89 10.91
N HIS B 309 11.69 -3.88 11.80
CA HIS B 309 10.60 -4.54 12.51
C HIS B 309 10.51 -3.99 13.94
N GLY B 310 9.49 -4.40 14.66
CA GLY B 310 9.29 -3.91 16.00
C GLY B 310 10.14 -4.66 17.01
N THR B 311 9.84 -4.42 18.28
CA THR B 311 10.54 -5.03 19.39
C THR B 311 10.24 -6.52 19.57
N VAL B 312 9.39 -7.12 18.73
CA VAL B 312 8.85 -8.48 18.87
C VAL B 312 8.42 -8.77 20.31
N THR B 313 7.32 -8.15 20.75
CA THR B 313 6.82 -8.37 22.10
C THR B 313 6.42 -9.83 22.34
N ARG B 314 5.76 -10.46 21.35
CA ARG B 314 5.21 -11.80 21.54
C ARG B 314 6.30 -12.80 21.96
N HIS B 315 7.50 -12.67 21.39
CA HIS B 315 8.56 -13.63 21.72
C HIS B 315 9.23 -13.30 23.04
N TYR B 316 9.24 -12.03 23.42
CA TYR B 316 9.79 -11.63 24.72
C TYR B 316 8.94 -12.13 25.86
N ARG B 317 7.65 -12.38 25.60
CA ARG B 317 6.80 -12.97 26.62
C ARG B 317 7.10 -14.45 26.79
N MET B 318 7.44 -15.11 25.69
CA MET B 318 7.87 -16.49 25.74
C MET B 318 9.19 -16.61 26.49
N TYR B 319 10.06 -15.61 26.30
CA TYR B 319 11.33 -15.62 27.00
C TYR B 319 11.14 -15.58 28.50
N GLN B 320 10.32 -14.63 28.97
CA GLN B 320 9.99 -14.50 30.39
C GLN B 320 9.37 -15.76 30.99
N LYS B 321 8.72 -16.62 30.21
CA LYS B 321 8.09 -17.81 30.76
C LYS B 321 8.92 -19.07 30.57
N GLY B 322 10.19 -18.92 30.20
CA GLY B 322 11.06 -20.03 29.95
C GLY B 322 10.81 -20.77 28.66
N GLN B 323 10.18 -20.14 27.67
CA GLN B 323 10.02 -20.94 26.46
C GLN B 323 11.17 -20.62 25.52
N GLU B 324 11.59 -21.62 24.76
CA GLU B 324 12.63 -21.39 23.74
C GLU B 324 12.01 -20.58 22.61
N THR B 325 12.78 -19.66 22.07
CA THR B 325 12.23 -18.75 21.08
C THR B 325 12.98 -18.92 19.77
N SER B 326 12.37 -18.40 18.72
CA SER B 326 12.96 -18.47 17.39
C SER B 326 12.69 -17.14 16.72
N THR B 327 13.45 -16.10 17.11
CA THR B 327 13.27 -14.78 16.54
C THR B 327 14.38 -14.50 15.54
N ASN B 328 14.05 -13.81 14.53
CA ASN B 328 15.07 -13.73 13.49
C ASN B 328 15.96 -12.52 13.75
N PRO B 329 17.27 -12.69 13.83
CA PRO B 329 18.14 -11.55 14.10
C PRO B 329 18.71 -10.88 12.86
N ILE B 330 18.43 -11.42 11.66
CA ILE B 330 19.09 -10.94 10.46
C ILE B 330 18.90 -9.45 10.29
N ALA B 331 17.67 -8.95 10.50
CA ALA B 331 17.46 -7.52 10.40
C ALA B 331 18.39 -6.75 11.34
N SER B 332 18.41 -7.05 12.65
CA SER B 332 19.31 -6.31 13.53
C SER B 332 20.77 -6.57 13.18
N ILE B 333 21.10 -7.74 12.66
CA ILE B 333 22.48 -7.99 12.27
C ILE B 333 22.85 -7.06 11.12
N PHE B 334 21.90 -6.83 10.21
CA PHE B 334 22.21 -5.92 9.12
C PHE B 334 22.06 -4.46 9.51
N ALA B 335 21.50 -4.17 10.69
CA ALA B 335 21.65 -2.81 11.19
C ALA B 335 23.10 -2.50 11.38
N TRP B 336 23.85 -3.45 11.90
CA TRP B 336 25.27 -3.21 12.15
C TRP B 336 26.09 -3.10 10.86
N THR B 337 26.01 -4.12 10.01
CA THR B 337 26.91 -4.15 8.86
C THR B 337 26.69 -2.95 7.96
N ARG B 338 25.42 -2.61 7.68
CA ARG B 338 25.14 -1.40 6.91
C ARG B 338 25.83 -0.20 7.55
N GLY B 339 25.72 -0.09 8.88
CA GLY B 339 26.30 1.06 9.57
C GLY B 339 27.80 0.94 9.75
N LEU B 340 28.30 -0.28 9.97
CA LEU B 340 29.75 -0.47 10.01
C LEU B 340 30.38 -0.27 8.64
N ALA B 341 29.71 -0.78 7.59
CA ALA B 341 30.25 -0.54 6.25
C ALA B 341 30.30 0.95 5.95
N HIS B 342 29.31 1.72 6.44
CA HIS B 342 29.36 3.16 6.20
C HIS B 342 30.50 3.82 6.97
N ARG B 343 30.71 3.39 8.24
CA ARG B 343 31.84 3.92 8.99
C ARG B 343 33.16 3.61 8.28
N ALA B 344 33.28 2.40 7.73
CA ALA B 344 34.47 2.07 6.99
C ALA B 344 34.67 2.99 5.79
N LYS B 345 33.57 3.45 5.17
CA LYS B 345 33.74 4.28 3.98
C LYS B 345 34.27 5.66 4.35
N LEU B 346 33.91 6.14 5.54
CA LEU B 346 34.32 7.48 5.97
C LEU B 346 35.79 7.54 6.29
N ASP B 347 36.39 6.41 6.66
CA ASP B 347 37.77 6.38 7.13
C ASP B 347 38.66 5.52 6.24
N ASN B 348 38.11 5.01 5.14
CA ASN B 348 38.83 4.09 4.28
C ASN B 348 39.27 2.86 5.05
N ASN B 349 38.53 2.50 6.09
CA ASN B 349 38.94 1.39 6.93
C ASN B 349 38.72 0.12 6.13
N LYS B 350 39.69 -0.22 5.27
CA LYS B 350 39.55 -1.38 4.39
C LYS B 350 39.32 -2.66 5.20
N GLU B 351 39.95 -2.75 6.37
CA GLU B 351 39.79 -3.91 7.23
C GLU B 351 38.36 -4.02 7.73
N LEU B 352 37.73 -2.89 8.06
CA LEU B 352 36.39 -2.94 8.60
C LEU B 352 35.37 -3.19 7.49
N ALA B 353 35.54 -2.54 6.33
CA ALA B 353 34.63 -2.77 5.22
C ALA B 353 34.63 -4.23 4.82
N PHE B 354 35.79 -4.91 4.89
CA PHE B 354 35.79 -6.31 4.55
C PHE B 354 35.03 -7.11 5.60
N PHE B 355 35.19 -6.75 6.86
CA PHE B 355 34.50 -7.49 7.90
C PHE B 355 32.99 -7.32 7.76
N ALA B 356 32.52 -6.07 7.85
CA ALA B 356 31.08 -5.83 7.69
C ALA B 356 30.55 -6.60 6.50
N ASN B 357 31.24 -6.51 5.37
CA ASN B 357 30.80 -7.23 4.19
C ASN B 357 30.82 -8.74 4.41
N ALA B 358 31.79 -9.25 5.17
CA ALA B 358 31.86 -10.67 5.41
C ALA B 358 30.69 -11.14 6.25
N LEU B 359 30.21 -10.28 7.16
CA LEU B 359 29.08 -10.64 8.01
C LEU B 359 27.77 -10.70 7.24
N GLU B 360 27.62 -9.84 6.21
CA GLU B 360 26.46 -9.92 5.34
C GLU B 360 26.48 -11.20 4.51
N GLU B 361 27.68 -11.73 4.21
CA GLU B 361 27.75 -12.97 3.47
C GLU B 361 27.39 -14.18 4.34
N VAL B 362 28.04 -14.30 5.49
CA VAL B 362 27.88 -15.49 6.31
C VAL B 362 26.45 -15.58 6.90
N SER B 363 25.75 -14.45 7.00
CA SER B 363 24.37 -14.49 7.48
C SER B 363 23.44 -15.08 6.44
N ILE B 364 23.67 -14.76 5.16
CA ILE B 364 22.86 -15.29 4.09
C ILE B 364 23.31 -16.72 3.76
N GLU B 365 24.61 -16.93 3.60
CA GLU B 365 25.17 -18.27 3.47
C GLU B 365 24.55 -19.22 4.47
N THR B 366 24.39 -18.78 5.72
CA THR B 366 23.90 -19.69 6.75
C THR B 366 22.44 -20.04 6.56
N ILE B 367 21.64 -19.09 6.06
CA ILE B 367 20.24 -19.38 5.76
C ILE B 367 20.13 -20.19 4.48
N GLU B 368 20.91 -19.82 3.45
CA GLU B 368 20.93 -20.60 2.23
C GLU B 368 21.39 -22.03 2.48
N ALA B 369 22.29 -22.24 3.46
CA ALA B 369 22.75 -23.57 3.80
C ALA B 369 21.64 -24.46 4.38
N GLY B 370 20.50 -23.88 4.73
CA GLY B 370 19.44 -24.59 5.42
C GLY B 370 19.33 -24.27 6.89
N PHE B 371 20.31 -23.60 7.48
CA PHE B 371 20.26 -23.26 8.89
C PHE B 371 19.58 -21.90 9.03
N MET B 372 18.38 -21.91 9.58
CA MET B 372 17.55 -20.73 9.72
C MET B 372 16.77 -20.86 11.03
N THR B 373 15.80 -19.98 11.20
CA THR B 373 14.95 -19.88 12.39
C THR B 373 13.51 -20.15 11.96
N LYS B 374 12.63 -20.44 12.93
CA LYS B 374 11.24 -20.80 12.61
C LYS B 374 10.56 -19.73 11.79
N ASP B 375 10.94 -18.48 12.02
CA ASP B 375 10.49 -17.35 11.21
C ASP B 375 10.51 -17.68 9.72
N LEU B 376 11.70 -18.03 9.20
CA LEU B 376 11.85 -18.26 7.77
C LEU B 376 11.29 -19.63 7.38
N ALA B 377 11.67 -20.67 8.13
CA ALA B 377 11.24 -22.03 7.83
C ALA B 377 9.74 -22.12 7.62
N ALA B 378 8.95 -21.37 8.39
CA ALA B 378 7.51 -21.40 8.14
C ALA B 378 7.19 -20.99 6.71
N CYS B 379 8.03 -20.15 6.09
CA CYS B 379 7.76 -19.68 4.74
C CYS B 379 7.93 -20.80 3.72
N ILE B 380 8.94 -21.62 3.93
CA ILE B 380 9.21 -22.70 2.99
C ILE B 380 8.18 -23.82 3.19
N LYS B 381 8.06 -24.34 4.41
CA LYS B 381 7.26 -25.54 4.59
C LYS B 381 5.77 -25.22 4.73
N GLY B 382 5.43 -24.09 5.33
CA GLY B 382 4.07 -23.84 5.78
C GLY B 382 3.97 -23.96 7.28
N LEU B 383 3.43 -22.95 7.96
CA LEU B 383 3.53 -22.88 9.42
C LEU B 383 3.06 -24.12 10.17
N PRO B 384 2.00 -24.84 9.76
CA PRO B 384 1.71 -26.12 10.43
C PRO B 384 2.63 -27.24 10.00
N ASN B 385 3.27 -27.10 8.84
CA ASN B 385 4.10 -28.18 8.34
C ASN B 385 5.44 -28.26 9.08
N VAL B 386 5.99 -27.12 9.47
CA VAL B 386 7.40 -27.13 9.88
C VAL B 386 7.55 -27.89 11.19
N GLN B 387 8.35 -28.94 11.15
CA GLN B 387 8.70 -29.69 12.35
C GLN B 387 9.78 -28.94 13.11
N ARG B 388 9.91 -29.28 14.38
CA ARG B 388 10.96 -28.69 15.20
C ARG B 388 12.28 -28.74 14.43
N SER B 389 12.50 -29.81 13.68
CA SER B 389 13.84 -30.09 13.21
C SER B 389 14.25 -29.24 12.00
N ASP B 390 13.38 -28.33 11.56
CA ASP B 390 13.53 -27.57 10.34
C ASP B 390 13.98 -26.13 10.60
N TYR B 391 14.27 -25.80 11.86
CA TYR B 391 14.66 -24.43 12.24
C TYR B 391 15.66 -24.50 13.39
N LEU B 392 16.08 -23.33 13.89
CA LEU B 392 17.01 -23.23 15.01
C LEU B 392 16.46 -22.30 16.09
N ASN B 393 16.94 -22.52 17.30
CA ASN B 393 16.75 -21.58 18.39
C ASN B 393 17.37 -20.25 18.02
N THR B 394 16.98 -19.22 18.76
CA THR B 394 17.71 -17.97 18.66
C THR B 394 19.18 -18.13 19.01
N PHE B 395 19.48 -18.84 20.10
CA PHE B 395 20.88 -19.03 20.48
C PHE B 395 21.59 -19.97 19.54
N GLU B 396 20.95 -21.12 19.22
CA GLU B 396 21.50 -21.99 18.18
C GLU B 396 21.88 -21.17 16.94
N PHE B 397 20.97 -20.29 16.48
CA PHE B 397 21.19 -19.53 15.26
C PHE B 397 22.37 -18.56 15.43
N MET B 398 22.44 -17.84 16.55
CA MET B 398 23.63 -17.03 16.85
C MET B 398 24.88 -17.88 16.91
N ASP B 399 24.78 -19.05 17.52
CA ASP B 399 25.97 -19.87 17.67
C ASP B 399 26.51 -20.30 16.29
N LYS B 400 25.62 -20.56 15.32
CA LYS B 400 26.11 -21.03 14.01
C LYS B 400 26.63 -19.88 13.14
N LEU B 401 26.01 -18.70 13.25
CA LEU B 401 26.61 -17.50 12.70
C LEU B 401 28.01 -17.29 13.25
N GLY B 402 28.11 -17.09 14.57
CA GLY B 402 29.41 -17.04 15.21
C GLY B 402 30.33 -18.18 14.76
N GLU B 403 29.77 -19.38 14.60
CA GLU B 403 30.61 -20.47 14.12
C GLU B 403 31.03 -20.26 12.67
N ASN B 404 30.08 -19.93 11.79
CA ASN B 404 30.43 -19.80 10.37
C ASN B 404 31.12 -18.49 10.09
N LEU B 405 30.91 -17.46 10.93
CA LEU B 405 31.69 -16.23 10.78
C LEU B 405 33.12 -16.44 11.23
N LYS B 406 33.35 -17.30 12.21
CA LYS B 406 34.71 -17.61 12.59
C LYS B 406 35.45 -18.29 11.44
N ILE B 407 34.76 -19.19 10.74
CA ILE B 407 35.37 -19.94 9.65
C ILE B 407 35.49 -19.06 8.40
N LYS B 408 34.53 -18.15 8.21
CA LYS B 408 34.58 -17.23 7.07
C LYS B 408 35.70 -16.23 7.21
N LEU B 409 36.00 -15.82 8.45
CA LEU B 409 37.06 -14.84 8.65
C LEU B 409 38.42 -15.51 8.76
N ALA B 410 38.45 -16.73 9.29
CA ALA B 410 39.70 -17.46 9.40
C ALA B 410 40.26 -17.81 8.04
N GLN B 411 39.42 -18.38 7.17
CA GLN B 411 39.87 -18.87 5.88
C GLN B 411 40.51 -17.76 5.05
N ALA B 412 39.80 -16.63 4.88
CA ALA B 412 40.31 -15.55 4.04
C ALA B 412 41.50 -14.85 4.68
N LYS B 413 41.74 -15.07 5.99
CA LYS B 413 42.94 -14.58 6.68
C LYS B 413 44.17 -15.45 6.44
N LEU B 414 43.98 -16.71 6.05
CA LEU B 414 45.07 -17.64 5.69
C LEU B 414 45.66 -17.35 4.30
C01 HJQ C . -1.80 -9.01 -18.67
C03 HJQ C . -2.55 -10.09 -17.91
C05 HJQ C . -3.47 -9.35 -16.89
C07 HJQ C . -3.26 -7.84 -17.14
C08 HJQ C . -3.37 -7.29 -19.56
C09 HJQ C . -2.94 -5.90 -20.13
C10 HJQ C . -3.81 -4.70 -19.49
C11 HJQ C . -5.03 -5.16 -18.66
C12 HJQ C . -6.80 -4.52 -17.27
C13 HJQ C . -6.22 -3.00 -19.14
C14 HJQ C . -4.99 -2.47 -19.92
C15 HJQ C . -4.67 -4.05 -21.76
C16 HJQ C . -4.94 -9.79 -16.85
C17 HJQ C . -5.27 -11.12 -16.62
C18 HJQ C . -6.56 -11.57 -16.57
C19 HJQ C . -7.60 -10.67 -16.74
C20 HJQ C . -7.34 -9.30 -16.98
C21 HJQ C . -6.01 -8.86 -17.02
F22 HJQ C . -8.86 -11.12 -16.70
N02 HJQ C . -2.49 -7.71 -18.42
N04 HJQ C . -5.75 -3.98 -18.10
N06 HJQ C . -4.15 -3.57 -20.52
C01 HJQ D . 5.18 -11.84 16.49
C03 HJQ D . 5.69 -12.79 15.41
C05 HJQ D . 6.18 -11.87 14.27
C07 HJQ D . 5.42 -10.57 14.44
C08 HJQ D . 5.50 -9.36 16.59
C09 HJQ D . 4.31 -8.50 17.13
C10 HJQ D . 4.45 -6.99 16.67
C11 HJQ D . 5.28 -6.83 15.28
C12 HJQ D . 7.66 -7.04 14.70
C13 HJQ D . 7.03 -6.18 16.86
C14 HJQ D . 6.05 -5.31 17.63
C15 HJQ D . 4.67 -6.50 19.21
C16 HJQ D . 7.64 -11.63 14.17
C17 HJQ D . 8.52 -12.69 14.15
C18 HJQ D . 9.90 -12.49 14.07
C19 HJQ D . 10.40 -11.18 14.00
C20 HJQ D . 9.51 -10.07 14.01
C21 HJQ D . 8.13 -10.31 14.10
F22 HJQ D . 11.70 -11.03 13.90
N02 HJQ D . 4.95 -10.53 15.85
N04 HJQ D . 6.66 -6.24 15.46
N06 HJQ D . 4.80 -5.99 17.85
#